data_6V9N
#
_entry.id   6V9N
#
_cell.length_a   183.862
_cell.length_b   183.862
_cell.length_c   178.639
_cell.angle_alpha   90.000
_cell.angle_beta   90.000
_cell.angle_gamma   90.000
#
_symmetry.space_group_name_H-M   'I 4 2 2'
#
loop_
_entity.id
_entity.type
_entity.pdbx_description
1 polymer 'GTPase HRas'
2 polymer 'Son of sevenless homolog 1'
3 polymer 'GTPase HRas'
4 non-polymer 'PHOSPHOAMINOPHOSPHONIC ACID-GUANYLATE ESTER'
5 non-polymer 'MAGNESIUM ION'
6 non-polymer 'FORMIC ACID'
7 non-polymer 4-phenoxybenzene-1-sulfonamide
8 non-polymer GLYCEROL
9 non-polymer 'SODIUM ION'
10 water water
#
loop_
_entity_poly.entity_id
_entity_poly.type
_entity_poly.pdbx_seq_one_letter_code
_entity_poly.pdbx_strand_id
1 'polypeptide(L)'
;GMTEYKLVVVGAGGVGKSALTIQLIQNHFVDEYDPTIEDSYRKQVVIDGET(CSO)LLDILDTAGQEEASAMRDQYMRTG
EGFLCVFAINNTKSFEDIHQYREQIKRVKDSDDVPMVLVGNKCDLAARTVESRQAQDLARSYGIPYIETSAKTRQGVEDA
FYTLVREIRQH
;
A
2 'polypeptide(L)'
;GQMRLPSADVYRFAEPDSEENIIFEENMQPKAGIPIIKAGTVIKLIERLTYHMYADPNFVRTFLTTYRSFCKPQELLSLI
IERFEIPEPEPTEADRIAIENGDQPLSAELKRFRKEYIQPVQLRVLNVCRHWVEHHFYDFERDAYLLQRMEEFIGTVRGK
AMKKWVESITKIIQRKKIARDNGPGHNITFQSSPPTVEWHISRPGHIETFDLLTLHPIEIARQLTLLESDLYRAVQPSEL
VGSVWTKEDKEINSPNLLKMIRHTTNLTLWFEKCIVETENLEERVAVVSRIIEILQVFQELNNFNGVLEVVSAMNSSPVY
RLDHTFEQIPSRQKKILEEAHELSEDHYKKYLAKLRSINPPCVPFFGIYLTNILKTEEGNPEVLKRHGKELINFSKRRKV
AEITGEIQQYQNQPYCLRVESDIKRFFENLNPMGNSMEKEFTDYLFNKSLEIEPRNPKPLPRFPKKYSYPLKSPGVRPSN
PR
;
B
3 'polypeptide(L)'
;GMTEYKLVVVGAGGVGKSALTIQLIQNHFVDEYDPTIEDSYRKQVVIDGETCLLDILDTAGQEEYSAMRDQYMRTGEGFL
CVFAINNTKSFEDIHQYREQIKRVKDSDDVPMVLVGNKCDLAARTVESRQAQDLARSYGIPYIETSAKTRQGVEDAFYTL
VREIRQH
;
C
#
loop_
_chem_comp.id
_chem_comp.type
_chem_comp.name
_chem_comp.formula
FMT non-polymer 'FORMIC ACID' 'C H2 O2'
GNP non-polymer 'PHOSPHOAMINOPHOSPHONIC ACID-GUANYLATE ESTER' 'C10 H17 N6 O13 P3'
GOL non-polymer GLYCEROL 'C3 H8 O3'
MG non-polymer 'MAGNESIUM ION' 'Mg 2'
NA non-polymer 'SODIUM ION' 'Na 1'
QTD non-polymer 4-phenoxybenzene-1-sulfonamide 'C12 H11 N O3 S'
#
# COMPACT_ATOMS: atom_id res chain seq x y z
N MET A 2 5.31 17.28 0.62
CA MET A 2 6.41 16.33 0.68
C MET A 2 7.35 16.45 -0.52
N THR A 3 8.57 16.91 -0.28
CA THR A 3 9.59 16.90 -1.31
C THR A 3 10.14 15.49 -1.48
N GLU A 4 10.39 15.11 -2.73
CA GLU A 4 10.97 13.82 -3.05
C GLU A 4 12.46 13.99 -3.34
N TYR A 5 13.29 13.09 -2.79
CA TYR A 5 14.74 13.12 -2.97
C TYR A 5 15.21 11.80 -3.58
N LYS A 6 15.99 11.88 -4.64
CA LYS A 6 16.50 10.67 -5.30
C LYS A 6 17.95 10.42 -4.86
N LEU A 7 18.14 9.42 -4.00
CA LEU A 7 19.45 9.09 -3.46
C LEU A 7 19.95 7.83 -4.13
N VAL A 8 21.25 7.77 -4.38
CA VAL A 8 21.88 6.61 -4.99
C VAL A 8 23.04 6.16 -4.13
N VAL A 9 23.12 4.85 -3.85
CA VAL A 9 24.18 4.27 -3.03
C VAL A 9 25.14 3.54 -3.98
N VAL A 10 26.41 3.97 -3.99
CA VAL A 10 27.41 3.43 -4.92
C VAL A 10 28.67 3.01 -4.16
N GLY A 11 29.48 2.19 -4.79
CA GLY A 11 30.71 1.69 -4.18
C GLY A 11 30.99 0.26 -4.61
N ALA A 12 32.19 -0.19 -4.24
CA ALA A 12 32.66 -1.52 -4.67
C ALA A 12 31.77 -2.65 -4.14
N GLY A 13 31.87 -3.78 -4.81
CA GLY A 13 31.13 -4.95 -4.38
C GLY A 13 31.49 -5.35 -2.96
N GLY A 14 30.45 -5.66 -2.17
CA GLY A 14 30.63 -6.20 -0.85
C GLY A 14 30.90 -5.21 0.26
N VAL A 15 30.85 -3.91 0.00
CA VAL A 15 31.17 -2.94 1.06
C VAL A 15 30.01 -2.73 2.02
N GLY A 16 28.81 -3.19 1.68
CA GLY A 16 27.65 -3.06 2.54
C GLY A 16 26.60 -2.05 2.09
N LYS A 17 26.56 -1.71 0.80
CA LYS A 17 25.55 -0.79 0.29
C LYS A 17 24.14 -1.30 0.59
N SER A 18 23.89 -2.58 0.31
CA SER A 18 22.56 -3.13 0.53
C SER A 18 22.27 -3.25 2.01
N ALA A 19 23.24 -3.70 2.79
CA ALA A 19 23.00 -3.80 4.23
C ALA A 19 22.69 -2.45 4.83
N LEU A 20 23.42 -1.40 4.42
CA LEU A 20 23.13 -0.05 4.90
C LEU A 20 21.70 0.35 4.55
N THR A 21 21.30 0.08 3.29
CA THR A 21 19.98 0.51 2.83
C THR A 21 18.87 -0.24 3.56
N ILE A 22 19.03 -1.55 3.71
CA ILE A 22 18.01 -2.35 4.39
C ILE A 22 17.95 -2.03 5.89
N GLN A 23 19.08 -1.73 6.50
CA GLN A 23 19.03 -1.26 7.89
C GLN A 23 18.23 0.04 8.00
N LEU A 24 18.47 0.99 7.09
CA LEU A 24 17.69 2.23 7.11
C LEU A 24 16.20 1.97 6.90
N ILE A 25 15.87 1.10 5.93
CA ILE A 25 14.47 0.94 5.54
C ILE A 25 13.73 0.05 6.53
N GLN A 26 14.34 -1.04 6.97
CA GLN A 26 13.62 -2.06 7.73
C GLN A 26 14.14 -2.26 9.15
N ASN A 27 15.22 -1.59 9.55
CA ASN A 27 15.85 -1.80 10.86
C ASN A 27 16.32 -3.24 11.04
N HIS A 28 16.78 -3.86 9.96
CA HIS A 28 17.19 -5.26 9.95
C HIS A 28 18.57 -5.35 9.32
N PHE A 29 19.46 -6.14 9.90
CA PHE A 29 20.80 -6.34 9.33
C PHE A 29 20.83 -7.62 8.49
N VAL A 30 21.21 -7.49 7.22
CA VAL A 30 21.28 -8.65 6.33
C VAL A 30 22.65 -9.30 6.47
N ASP A 31 22.66 -10.57 6.88
CA ASP A 31 23.89 -11.33 7.03
C ASP A 31 24.43 -11.88 5.70
N GLU A 32 23.54 -12.21 4.78
CA GLU A 32 23.95 -12.79 3.52
C GLU A 32 24.59 -11.73 2.63
N TYR A 33 25.41 -12.21 1.68
CA TYR A 33 26.04 -11.39 0.66
C TYR A 33 25.46 -11.85 -0.67
N ASP A 34 24.34 -11.23 -1.06
CA ASP A 34 23.67 -11.49 -2.33
C ASP A 34 23.95 -10.31 -3.25
N PRO A 35 24.82 -10.44 -4.25
CA PRO A 35 25.21 -9.27 -5.05
C PRO A 35 24.01 -8.66 -5.77
N THR A 36 23.92 -7.34 -5.69
CA THR A 36 22.80 -6.58 -6.22
C THR A 36 22.96 -6.37 -7.72
N ILE A 37 21.83 -6.36 -8.43
CA ILE A 37 21.82 -5.87 -9.80
C ILE A 37 21.31 -4.44 -9.76
N GLU A 38 20.07 -4.25 -9.31
CA GLU A 38 19.56 -2.92 -8.99
C GLU A 38 18.29 -3.06 -8.17
N ASP A 39 18.24 -2.40 -7.02
CA ASP A 39 17.09 -2.44 -6.14
C ASP A 39 16.69 -1.01 -5.81
N SER A 40 15.41 -0.81 -5.49
CA SER A 40 14.95 0.52 -5.16
CA SER A 40 14.87 0.51 -5.24
C SER A 40 14.00 0.46 -3.99
N TYR A 41 14.07 1.50 -3.17
CA TYR A 41 13.31 1.57 -1.93
C TYR A 41 12.74 2.96 -1.77
N ARG A 42 11.64 3.06 -1.02
CA ARG A 42 11.08 4.36 -0.65
C ARG A 42 10.92 4.46 0.86
N LYS A 43 11.12 5.67 1.37
CA LYS A 43 11.00 5.92 2.80
C LYS A 43 10.47 7.32 3.04
N GLN A 44 9.33 7.41 3.72
CA GLN A 44 8.82 8.68 4.22
C GLN A 44 9.45 8.95 5.58
N VAL A 45 10.03 10.14 5.77
CA VAL A 45 10.72 10.44 7.02
C VAL A 45 10.73 11.94 7.21
N VAL A 46 10.64 12.37 8.47
CA VAL A 46 10.74 13.79 8.81
C VAL A 46 12.20 14.11 9.13
N ILE A 47 12.77 15.05 8.39
CA ILE A 47 14.16 15.44 8.57
C ILE A 47 14.19 16.94 8.78
N ASP A 48 14.77 17.38 9.91
CA ASP A 48 14.81 18.80 10.28
C ASP A 48 13.41 19.42 10.20
N GLY A 49 12.41 18.68 10.66
CA GLY A 49 11.05 19.17 10.77
C GLY A 49 10.27 19.16 9.47
N GLU A 50 10.83 18.67 8.38
CA GLU A 50 10.17 18.68 7.08
C GLU A 50 9.99 17.24 6.61
N THR A 51 8.77 16.90 6.23
CA THR A 51 8.52 15.55 5.76
C THR A 51 9.03 15.39 4.34
N CSO A 52 9.79 14.34 4.10
CA CSO A 52 10.05 14.02 2.70
CB CSO A 52 11.39 14.55 2.26
SG CSO A 52 12.61 14.04 3.42
C CSO A 52 10.00 12.57 2.38
O CSO A 52 9.83 11.70 3.24
OD CSO A 52 13.04 15.61 4.17
N LEU A 53 10.13 12.32 1.08
CA LEU A 53 10.03 10.99 0.55
C LEU A 53 11.36 10.68 -0.10
N LEU A 54 12.06 9.69 0.44
CA LEU A 54 13.35 9.31 -0.12
C LEU A 54 13.13 8.17 -1.09
N ASP A 55 13.63 8.33 -2.32
CA ASP A 55 13.73 7.23 -3.29
C ASP A 55 15.18 6.80 -3.29
N ILE A 56 15.46 5.59 -2.82
CA ILE A 56 16.84 5.14 -2.65
C ILE A 56 17.13 4.05 -3.66
N LEU A 57 18.13 4.30 -4.49
CA LEU A 57 18.59 3.31 -5.48
C LEU A 57 19.83 2.61 -4.94
N ASP A 58 19.74 1.28 -4.85
CA ASP A 58 20.83 0.43 -4.37
C ASP A 58 21.46 -0.24 -5.58
N THR A 59 22.73 0.06 -5.86
CA THR A 59 23.33 -0.26 -7.15
C THR A 59 24.29 -1.44 -7.04
N ALA A 60 24.74 -1.91 -8.21
CA ALA A 60 25.62 -3.05 -8.28
C ALA A 60 27.07 -2.61 -8.12
N GLY A 61 27.78 -3.24 -7.20
CA GLY A 61 29.19 -2.99 -7.05
C GLY A 61 30.08 -3.96 -7.81
N GLN A 62 29.57 -5.13 -8.20
CA GLN A 62 30.40 -6.07 -8.94
C GLN A 62 30.87 -5.47 -10.26
N GLU A 63 32.13 -5.73 -10.62
CA GLU A 63 32.71 -5.09 -11.79
C GLU A 63 31.99 -5.48 -13.08
N GLU A 64 31.40 -6.67 -13.10
CA GLU A 64 30.70 -7.13 -14.30
C GLU A 64 29.52 -6.23 -14.68
N ALA A 65 29.05 -5.39 -13.76
CA ALA A 65 28.00 -4.43 -14.07
C ALA A 65 28.52 -3.02 -14.31
N SER A 66 29.84 -2.85 -14.44
CA SER A 66 30.45 -1.52 -14.43
C SER A 66 30.10 -0.68 -15.66
N ALA A 67 29.57 -1.29 -16.72
CA ALA A 67 29.23 -0.54 -17.93
C ALA A 67 27.80 -0.04 -17.93
N MET A 68 27.07 -0.15 -16.81
CA MET A 68 25.65 0.15 -16.77
C MET A 68 25.32 1.25 -15.78
N ARG A 69 26.28 2.13 -15.47
CA ARG A 69 26.12 3.11 -14.41
C ARG A 69 25.61 4.47 -14.89
N ASP A 70 25.88 4.86 -16.13
CA ASP A 70 25.46 6.19 -16.57
C ASP A 70 23.97 6.41 -16.37
N GLN A 71 23.16 5.37 -16.61
CA GLN A 71 21.71 5.52 -16.57
C GLN A 71 21.23 5.99 -15.18
N TYR A 72 21.80 5.42 -14.11
CA TYR A 72 21.34 5.84 -12.80
C TYR A 72 22.02 7.10 -12.29
N MET A 73 23.22 7.41 -12.79
CA MET A 73 23.88 8.63 -12.34
C MET A 73 23.20 9.87 -12.88
N ARG A 74 22.60 9.78 -14.07
CA ARG A 74 21.90 10.92 -14.64
C ARG A 74 20.73 11.36 -13.76
N THR A 75 19.97 10.40 -13.26
CA THR A 75 18.75 10.71 -12.54
C THR A 75 18.96 10.96 -11.04
N GLY A 76 20.03 10.42 -10.46
CA GLY A 76 20.22 10.60 -9.03
C GLY A 76 20.54 12.05 -8.69
N GLU A 77 20.01 12.49 -7.54
CA GLU A 77 20.24 13.84 -7.04
CA GLU A 77 20.28 13.84 -7.07
C GLU A 77 21.40 13.91 -6.05
N GLY A 78 21.66 12.81 -5.34
CA GLY A 78 22.76 12.77 -4.39
C GLY A 78 23.27 11.36 -4.27
N PHE A 79 24.54 11.23 -3.89
CA PHE A 79 25.21 9.93 -3.91
C PHE A 79 25.90 9.63 -2.60
N LEU A 80 25.60 8.48 -2.03
CA LEU A 80 26.36 7.92 -0.91
CA LEU A 80 26.36 7.92 -0.91
C LEU A 80 27.49 7.10 -1.51
N CYS A 81 28.73 7.53 -1.30
CA CYS A 81 29.90 6.84 -1.86
C CYS A 81 30.49 5.99 -0.75
N VAL A 82 30.27 4.67 -0.83
CA VAL A 82 30.54 3.76 0.28
C VAL A 82 31.79 2.95 0.00
N PHE A 83 32.67 2.88 1.00
CA PHE A 83 33.75 1.89 1.01
C PHE A 83 33.68 1.18 2.36
N ALA A 84 34.45 0.11 2.51
CA ALA A 84 34.52 -0.60 3.79
C ALA A 84 35.87 -0.33 4.44
N ILE A 85 35.87 -0.05 5.74
CA ILE A 85 37.09 0.40 6.40
C ILE A 85 38.09 -0.73 6.61
N ASN A 86 37.71 -1.97 6.31
CA ASN A 86 38.64 -3.09 6.32
C ASN A 86 39.00 -3.56 4.91
N ASN A 87 38.78 -2.73 3.89
N ASN A 87 38.82 -2.71 3.90
CA ASN A 87 39.09 -3.13 2.52
CA ASN A 87 39.02 -3.07 2.50
C ASN A 87 39.70 -1.94 1.79
C ASN A 87 39.65 -1.87 1.78
N THR A 88 41.03 -1.92 1.72
N THR A 88 40.99 -1.86 1.73
CA THR A 88 41.73 -0.78 1.12
CA THR A 88 41.67 -0.72 1.12
C THR A 88 41.37 -0.59 -0.34
C THR A 88 41.37 -0.59 -0.36
N LYS A 89 41.15 -1.70 -1.06
CA LYS A 89 40.83 -1.58 -2.48
C LYS A 89 39.52 -0.84 -2.68
N SER A 90 38.52 -1.10 -1.82
CA SER A 90 37.25 -0.39 -1.95
C SER A 90 37.42 1.10 -1.73
N PHE A 91 38.36 1.49 -0.86
CA PHE A 91 38.65 2.91 -0.70
C PHE A 91 39.29 3.48 -1.95
N GLU A 92 40.23 2.74 -2.55
CA GLU A 92 40.84 3.21 -3.79
C GLU A 92 39.83 3.28 -4.93
N ASP A 93 38.77 2.46 -4.89
CA ASP A 93 37.74 2.52 -5.92
C ASP A 93 36.86 3.76 -5.82
N ILE A 94 36.86 4.45 -4.67
CA ILE A 94 35.97 5.60 -4.46
C ILE A 94 36.20 6.66 -5.53
N HIS A 95 37.46 6.97 -5.83
CA HIS A 95 37.68 8.11 -6.71
C HIS A 95 37.12 7.84 -8.11
N GLN A 96 37.10 6.58 -8.55
N GLN A 96 37.07 6.57 -8.52
CA GLN A 96 36.51 6.25 -9.83
CA GLN A 96 36.51 6.23 -9.83
C GLN A 96 35.02 6.60 -9.85
C GLN A 96 35.01 6.52 -9.88
N TYR A 97 34.29 6.26 -8.78
CA TYR A 97 32.88 6.60 -8.73
C TYR A 97 32.68 8.11 -8.71
N ARG A 98 33.48 8.81 -7.90
CA ARG A 98 33.41 10.27 -7.83
C ARG A 98 33.62 10.90 -9.21
N GLU A 99 34.63 10.43 -9.94
CA GLU A 99 34.92 11.05 -11.23
C GLU A 99 33.85 10.72 -12.25
N GLN A 100 33.30 9.50 -12.21
CA GLN A 100 32.26 9.16 -13.17
C GLN A 100 30.99 9.96 -12.91
N ILE A 101 30.61 10.12 -11.65
CA ILE A 101 29.42 10.91 -11.34
C ILE A 101 29.59 12.33 -11.85
N LYS A 102 30.76 12.93 -11.62
CA LYS A 102 31.02 14.29 -12.05
C LYS A 102 30.97 14.41 -13.57
N ARG A 103 31.51 13.41 -14.27
N ARG A 103 31.49 13.40 -14.28
CA ARG A 103 31.46 13.44 -15.75
CA ARG A 103 31.47 13.43 -15.74
C ARG A 103 30.03 13.32 -16.24
C ARG A 103 30.05 13.29 -16.27
N VAL A 104 29.28 12.34 -15.74
CA VAL A 104 27.93 12.10 -16.23
C VAL A 104 27.03 13.29 -15.96
N LYS A 105 27.10 13.85 -14.76
CA LYS A 105 26.24 14.97 -14.42
C LYS A 105 26.83 16.30 -14.88
N ASP A 106 28.02 16.29 -15.48
CA ASP A 106 28.68 17.48 -15.98
C ASP A 106 28.69 18.59 -14.92
N SER A 107 29.20 18.23 -13.74
CA SER A 107 29.09 19.14 -12.60
C SER A 107 30.18 18.82 -11.60
N ASP A 108 30.76 19.87 -11.03
CA ASP A 108 31.72 19.77 -9.94
C ASP A 108 31.06 19.87 -8.57
N ASP A 109 29.73 19.99 -8.53
CA ASP A 109 29.01 20.34 -7.32
C ASP A 109 27.84 19.40 -7.10
N VAL A 110 28.10 18.10 -7.12
CA VAL A 110 27.05 17.09 -6.94
C VAL A 110 26.94 16.74 -5.47
N PRO A 111 25.75 16.74 -4.87
CA PRO A 111 25.62 16.32 -3.47
C PRO A 111 26.14 14.91 -3.25
N MET A 112 27.09 14.78 -2.32
N MET A 112 27.08 14.75 -2.31
CA MET A 112 27.70 13.49 -2.00
CA MET A 112 27.70 13.47 -2.03
C MET A 112 27.99 13.43 -0.51
C MET A 112 28.13 13.40 -0.58
N VAL A 113 28.11 12.19 -0.02
CA VAL A 113 28.65 11.91 1.31
C VAL A 113 29.59 10.72 1.17
N LEU A 114 30.77 10.79 1.79
CA LEU A 114 31.72 9.67 1.81
C LEU A 114 31.40 8.81 3.03
N VAL A 115 31.19 7.51 2.82
CA VAL A 115 30.76 6.61 3.90
C VAL A 115 31.79 5.51 4.07
N GLY A 116 32.35 5.42 5.27
CA GLY A 116 33.23 4.31 5.62
C GLY A 116 32.46 3.29 6.45
N ASN A 117 32.06 2.17 5.82
CA ASN A 117 31.16 1.23 6.46
C ASN A 117 31.93 0.11 7.15
N LYS A 118 31.19 -0.69 7.93
CA LYS A 118 31.70 -1.82 8.71
C LYS A 118 32.56 -1.32 9.89
N CYS A 119 32.17 -0.20 10.50
CA CYS A 119 32.97 0.35 11.58
C CYS A 119 32.81 -0.41 12.89
N ASP A 120 31.95 -1.45 12.91
CA ASP A 120 31.87 -2.37 14.04
C ASP A 120 33.03 -3.34 14.10
N LEU A 121 33.80 -3.47 13.03
CA LEU A 121 34.89 -4.43 12.97
C LEU A 121 36.17 -3.80 13.49
N ALA A 122 36.87 -4.54 14.35
CA ALA A 122 38.09 -4.00 14.95
C ALA A 122 39.21 -3.85 13.94
N ALA A 123 39.33 -4.80 13.00
CA ALA A 123 40.48 -4.90 12.11
C ALA A 123 40.37 -3.92 10.94
N ARG A 124 40.61 -2.65 11.26
CA ARG A 124 40.56 -1.58 10.26
C ARG A 124 41.83 -1.52 9.44
N THR A 125 41.69 -1.29 8.12
CA THR A 125 42.85 -1.07 7.26
C THR A 125 42.87 0.29 6.58
N VAL A 126 41.76 1.04 6.59
CA VAL A 126 41.70 2.41 6.12
C VAL A 126 41.53 3.31 7.34
N GLU A 127 42.51 4.19 7.58
CA GLU A 127 42.40 5.06 8.75
C GLU A 127 41.43 6.21 8.48
N SER A 128 40.75 6.65 9.54
CA SER A 128 39.77 7.73 9.41
C SER A 128 40.41 8.97 8.80
N ARG A 129 41.65 9.27 9.19
CA ARG A 129 42.31 10.47 8.69
C ARG A 129 42.47 10.45 7.17
N GLN A 130 42.88 9.29 6.62
CA GLN A 130 43.02 9.18 5.16
C GLN A 130 41.68 9.42 4.47
N ALA A 131 40.60 8.87 5.01
CA ALA A 131 39.30 9.08 4.39
C ALA A 131 38.84 10.52 4.56
N GLN A 132 39.07 11.09 5.74
CA GLN A 132 38.69 12.49 5.97
C GLN A 132 39.43 13.43 5.03
N ASP A 133 40.72 13.17 4.78
CA ASP A 133 41.48 14.00 3.84
C ASP A 133 40.84 13.96 2.45
N LEU A 134 40.47 12.77 1.99
CA LEU A 134 39.82 12.65 0.69
C LEU A 134 38.49 13.40 0.66
N ALA A 135 37.66 13.21 1.69
CA ALA A 135 36.40 13.94 1.76
C ALA A 135 36.62 15.45 1.68
N ARG A 136 37.59 15.98 2.43
CA ARG A 136 37.85 17.41 2.38
C ARG A 136 38.23 17.85 0.97
N SER A 137 39.00 17.03 0.26
CA SER A 137 39.39 17.36 -1.11
C SER A 137 38.19 17.38 -2.05
N TYR A 138 37.13 16.66 -1.71
CA TYR A 138 35.89 16.67 -2.46
C TYR A 138 34.90 17.71 -1.96
N GLY A 139 35.16 18.33 -0.81
CA GLY A 139 34.21 19.24 -0.21
C GLY A 139 32.98 18.59 0.41
N ILE A 140 33.09 17.36 0.90
CA ILE A 140 31.93 16.62 1.37
C ILE A 140 32.22 16.05 2.76
N PRO A 141 31.17 15.73 3.52
CA PRO A 141 31.39 15.12 4.84
C PRO A 141 31.76 13.65 4.73
N TYR A 142 32.40 13.17 5.78
CA TYR A 142 32.78 11.76 5.92
C TYR A 142 32.07 11.21 7.15
N ILE A 143 31.34 10.11 6.98
CA ILE A 143 30.60 9.51 8.07
C ILE A 143 30.91 8.01 8.11
N GLU A 144 31.35 7.53 9.27
CA GLU A 144 31.58 6.10 9.44
C GLU A 144 30.32 5.43 9.97
N THR A 145 30.01 4.27 9.41
CA THR A 145 28.74 3.61 9.65
C THR A 145 28.94 2.13 9.97
N SER A 146 27.95 1.55 10.61
CA SER A 146 27.82 0.11 10.70
C SER A 146 26.40 -0.29 10.36
N ALA A 147 26.23 -1.02 9.26
CA ALA A 147 24.92 -1.56 8.95
C ALA A 147 24.48 -2.59 9.98
N LYS A 148 25.45 -3.19 10.68
CA LYS A 148 25.13 -4.21 11.67
C LYS A 148 24.57 -3.59 12.95
N THR A 149 25.21 -2.53 13.47
CA THR A 149 24.80 -1.95 14.74
C THR A 149 23.90 -0.73 14.59
N ARG A 150 23.78 -0.16 13.40
CA ARG A 150 23.07 1.07 13.04
C ARG A 150 23.90 2.32 13.30
N GLN A 151 25.11 2.19 13.84
CA GLN A 151 25.93 3.38 14.08
C GLN A 151 26.09 4.18 12.79
N GLY A 152 25.75 5.47 12.86
CA GLY A 152 25.97 6.38 11.75
C GLY A 152 25.02 6.27 10.57
N VAL A 153 24.12 5.29 10.56
CA VAL A 153 23.36 5.00 9.33
C VAL A 153 22.40 6.15 9.01
N GLU A 154 21.58 6.56 9.99
CA GLU A 154 20.68 7.69 9.74
C GLU A 154 21.47 8.95 9.42
N ASP A 155 22.57 9.17 10.15
CA ASP A 155 23.41 10.35 9.90
C ASP A 155 23.88 10.39 8.45
N ALA A 156 24.31 9.25 7.90
CA ALA A 156 24.82 9.25 6.53
C ALA A 156 23.74 9.63 5.54
N PHE A 157 22.59 8.97 5.62
CA PHE A 157 21.53 9.21 4.63
C PHE A 157 20.94 10.59 4.82
N TYR A 158 20.71 11.01 6.06
CA TYR A 158 20.02 12.28 6.24
C TYR A 158 20.97 13.46 6.02
N THR A 159 22.28 13.26 6.23
CA THR A 159 23.23 14.28 5.81
C THR A 159 23.17 14.49 4.29
N LEU A 160 23.06 13.40 3.54
CA LEU A 160 22.95 13.53 2.09
C LEU A 160 21.68 14.29 1.70
N VAL A 161 20.56 14.01 2.37
CA VAL A 161 19.34 14.75 2.11
C VAL A 161 19.55 16.25 2.33
N ARG A 162 20.21 16.61 3.43
CA ARG A 162 20.46 18.02 3.70
C ARG A 162 21.29 18.66 2.60
N GLU A 163 22.24 17.91 2.04
CA GLU A 163 23.08 18.42 0.95
CA GLU A 163 23.06 18.48 0.98
C GLU A 163 22.26 18.69 -0.30
N ILE A 164 21.35 17.77 -0.61
CA ILE A 164 20.46 18.00 -1.74
C ILE A 164 19.57 19.20 -1.48
N ARG A 165 19.07 19.33 -0.24
CA ARG A 165 18.15 20.41 0.09
C ARG A 165 18.81 21.78 -0.01
N GLN A 166 20.11 21.88 0.26
CA GLN A 166 20.83 23.14 0.16
C GLN A 166 21.50 23.36 -1.19
N HIS A 167 21.40 22.39 -2.10
CA HIS A 167 22.04 22.48 -3.41
C HIS A 167 21.44 23.60 -4.26
N GLY B 1 27.06 5.24 -34.65
CA GLY B 1 25.69 4.87 -34.93
C GLY B 1 25.15 3.91 -33.89
N GLN B 2 23.85 3.65 -33.94
CA GLN B 2 23.26 2.67 -33.05
C GLN B 2 23.76 1.27 -33.39
N MET B 3 23.75 0.39 -32.40
CA MET B 3 24.09 -0.99 -32.66
C MET B 3 23.04 -1.62 -33.56
N ARG B 4 23.49 -2.47 -34.46
CA ARG B 4 22.55 -3.30 -35.18
C ARG B 4 21.99 -4.38 -34.25
N LEU B 5 20.83 -4.88 -34.61
CA LEU B 5 20.10 -5.84 -33.79
C LEU B 5 19.97 -7.15 -34.54
N PRO B 6 19.70 -8.25 -33.83
CA PRO B 6 19.37 -9.49 -34.54
C PRO B 6 18.11 -9.28 -35.37
N SER B 7 17.97 -10.10 -36.40
CA SER B 7 16.75 -10.08 -37.20
C SER B 7 15.54 -10.40 -36.32
N ALA B 8 14.47 -9.62 -36.50
CA ALA B 8 13.26 -9.88 -35.73
C ALA B 8 12.65 -11.23 -36.04
N ASP B 9 13.10 -11.89 -37.11
CA ASP B 9 12.63 -13.24 -37.44
C ASP B 9 13.22 -14.29 -36.51
N VAL B 10 14.45 -14.10 -36.04
CA VAL B 10 15.06 -15.04 -35.10
C VAL B 10 14.97 -14.56 -33.65
N TYR B 11 14.63 -13.30 -33.41
CA TYR B 11 14.61 -12.76 -32.05
C TYR B 11 13.50 -11.72 -31.98
N ARG B 12 12.39 -12.08 -31.33
CA ARG B 12 11.17 -11.30 -31.45
C ARG B 12 11.29 -9.91 -30.81
N PHE B 13 12.21 -9.72 -29.88
CA PHE B 13 12.31 -8.47 -29.16
C PHE B 13 13.10 -7.40 -29.92
N ALA B 14 13.41 -7.62 -31.19
CA ALA B 14 14.07 -6.61 -32.02
C ALA B 14 13.11 -5.95 -33.00
N GLU B 15 11.83 -6.25 -32.92
CA GLU B 15 10.86 -5.59 -33.78
C GLU B 15 10.83 -4.10 -33.47
N PRO B 16 10.75 -3.23 -34.49
CA PRO B 16 10.73 -1.79 -34.19
C PRO B 16 9.49 -1.39 -33.41
N ASP B 17 9.67 -0.40 -32.54
CA ASP B 17 8.54 0.24 -31.88
C ASP B 17 7.63 0.86 -32.92
N SER B 18 6.33 0.68 -32.73
CA SER B 18 5.33 1.38 -33.54
C SER B 18 4.09 1.56 -32.68
N GLU B 19 3.19 2.42 -33.16
CA GLU B 19 1.93 2.58 -32.44
C GLU B 19 1.07 1.32 -32.47
N GLU B 20 1.40 0.34 -33.33
CA GLU B 20 0.70 -0.94 -33.31
C GLU B 20 1.21 -1.87 -32.22
N ASN B 21 2.31 -1.56 -31.54
CA ASN B 21 2.78 -2.42 -30.47
C ASN B 21 3.19 -1.72 -29.18
N ILE B 22 3.32 -0.39 -29.15
CA ILE B 22 3.64 0.30 -27.89
C ILE B 22 3.19 1.75 -27.99
N ILE B 23 2.62 2.26 -26.90
CA ILE B 23 2.18 3.65 -26.81
C ILE B 23 2.76 4.24 -25.53
N PHE B 24 3.40 5.39 -25.66
CA PHE B 24 4.01 6.04 -24.50
C PHE B 24 3.12 7.18 -24.00
N GLU B 25 3.20 7.44 -22.69
CA GLU B 25 2.55 8.62 -22.15
C GLU B 25 3.27 9.88 -22.62
N GLU B 26 2.55 11.00 -22.58
CA GLU B 26 3.18 12.29 -22.85
C GLU B 26 3.99 12.74 -21.64
N GLY B 33 14.66 10.84 -17.34
CA GLY B 33 14.06 11.11 -18.63
C GLY B 33 13.72 9.85 -19.42
N ILE B 34 13.31 8.81 -18.70
CA ILE B 34 12.97 7.55 -19.36
C ILE B 34 11.48 7.59 -19.74
N PRO B 35 11.11 6.98 -20.87
CA PRO B 35 9.70 7.01 -21.27
C PRO B 35 8.83 6.23 -20.30
N ILE B 36 7.55 6.61 -20.25
CA ILE B 36 6.55 5.95 -19.43
C ILE B 36 5.55 5.28 -20.37
N ILE B 37 5.28 4.00 -20.15
CA ILE B 37 4.50 3.22 -21.10
C ILE B 37 3.02 3.33 -20.74
N LYS B 38 2.21 3.70 -21.73
CA LYS B 38 0.76 3.68 -21.57
C LYS B 38 0.16 2.31 -21.88
N ALA B 39 0.57 1.71 -22.99
CA ALA B 39 0.02 0.44 -23.44
C ALA B 39 1.04 -0.26 -24.31
N GLY B 40 0.90 -1.58 -24.44
CA GLY B 40 1.79 -2.28 -25.35
C GLY B 40 1.45 -3.75 -25.42
N THR B 41 2.02 -4.43 -26.41
CA THR B 41 1.96 -5.88 -26.42
C THR B 41 2.80 -6.43 -25.29
N VAL B 42 2.53 -7.69 -24.92
CA VAL B 42 3.32 -8.29 -23.84
C VAL B 42 4.80 -8.36 -24.24
N ILE B 43 5.08 -8.61 -25.53
CA ILE B 43 6.47 -8.64 -25.99
C ILE B 43 7.14 -7.29 -25.75
N LYS B 44 6.45 -6.19 -26.09
CA LYS B 44 7.03 -4.87 -25.90
C LYS B 44 7.18 -4.53 -24.41
N LEU B 45 6.22 -4.93 -23.57
CA LEU B 45 6.37 -4.68 -22.14
C LEU B 45 7.60 -5.40 -21.60
N ILE B 46 7.83 -6.64 -22.03
CA ILE B 46 8.98 -7.38 -21.52
C ILE B 46 10.28 -6.79 -22.06
N GLU B 47 10.27 -6.36 -23.32
CA GLU B 47 11.44 -5.68 -23.89
C GLU B 47 11.83 -4.47 -23.04
N ARG B 48 10.84 -3.63 -22.71
CA ARG B 48 11.15 -2.42 -21.96
C ARG B 48 11.45 -2.72 -20.49
N LEU B 49 10.88 -3.79 -19.96
CA LEU B 49 11.20 -4.24 -18.60
C LEU B 49 12.68 -4.60 -18.47
N THR B 50 13.29 -5.01 -19.56
CA THR B 50 14.65 -5.52 -19.58
C THR B 50 15.48 -4.76 -20.60
N TYR B 51 15.25 -3.45 -20.69
CA TYR B 51 15.76 -2.66 -21.81
C TYR B 51 17.28 -2.47 -21.72
N HIS B 52 17.95 -2.45 -22.88
CA HIS B 52 19.40 -2.35 -22.81
C HIS B 52 19.88 -0.95 -22.42
N MET B 53 19.09 0.10 -22.65
CA MET B 53 19.57 1.46 -22.44
CA MET B 53 19.59 1.46 -22.42
C MET B 53 19.43 1.93 -20.99
N TYR B 54 18.46 1.41 -20.25
CA TYR B 54 18.27 1.90 -18.88
C TYR B 54 17.48 0.87 -18.07
N ALA B 55 17.04 1.30 -16.89
CA ALA B 55 16.07 0.58 -16.10
C ALA B 55 15.18 1.59 -15.40
N ASP B 56 13.85 1.43 -15.50
CA ASP B 56 13.01 2.06 -14.50
C ASP B 56 13.05 1.13 -13.30
N PRO B 57 13.71 1.53 -12.20
CA PRO B 57 13.79 0.64 -11.05
C PRO B 57 12.42 0.23 -10.56
N ASN B 58 11.42 1.09 -10.75
CA ASN B 58 10.08 0.78 -10.26
CA ASN B 58 10.06 0.82 -10.29
C ASN B 58 9.28 -0.08 -11.23
N PHE B 59 9.66 -0.14 -12.51
CA PHE B 59 8.94 -0.95 -13.49
C PHE B 59 8.94 -2.43 -13.10
N VAL B 60 10.08 -2.93 -12.61
CA VAL B 60 10.15 -4.35 -12.24
C VAL B 60 9.11 -4.66 -11.16
N ARG B 61 9.02 -3.80 -10.13
CA ARG B 61 8.01 -4.03 -9.10
C ARG B 61 6.60 -3.92 -9.65
N THR B 62 6.32 -2.86 -10.41
N THR B 62 6.32 -2.90 -10.47
CA THR B 62 4.99 -2.69 -11.00
CA THR B 62 4.95 -2.73 -10.95
C THR B 62 4.60 -3.91 -11.82
C THR B 62 4.55 -3.85 -11.89
N PHE B 63 5.49 -4.33 -12.72
CA PHE B 63 5.20 -5.45 -13.59
C PHE B 63 5.00 -6.75 -12.79
N LEU B 64 5.92 -7.08 -11.89
CA LEU B 64 5.79 -8.34 -11.17
C LEU B 64 4.60 -8.35 -10.22
N THR B 65 4.14 -7.16 -9.78
CA THR B 65 2.96 -7.11 -8.92
C THR B 65 1.68 -7.37 -9.72
N THR B 66 1.62 -6.92 -10.97
CA THR B 66 0.36 -6.83 -11.70
C THR B 66 0.25 -7.69 -12.94
N TYR B 67 1.30 -8.41 -13.36
CA TYR B 67 1.28 -9.01 -14.69
C TYR B 67 0.25 -10.12 -14.85
N ARG B 68 -0.22 -10.73 -13.75
CA ARG B 68 -1.06 -11.91 -13.91
C ARG B 68 -2.43 -11.57 -14.50
N SER B 69 -2.80 -10.30 -14.51
CA SER B 69 -4.00 -9.84 -15.21
C SER B 69 -3.87 -9.89 -16.72
N PHE B 70 -2.66 -10.08 -17.25
CA PHE B 70 -2.51 -10.16 -18.70
C PHE B 70 -1.56 -11.26 -19.19
N CYS B 71 -0.89 -11.98 -18.29
CA CYS B 71 0.05 -13.01 -18.70
C CYS B 71 0.15 -14.06 -17.59
N LYS B 72 0.07 -15.34 -17.95
CA LYS B 72 0.19 -16.38 -16.94
C LYS B 72 1.65 -16.52 -16.49
N PRO B 73 1.87 -16.90 -15.23
CA PRO B 73 3.25 -17.09 -14.75
C PRO B 73 4.10 -18.00 -15.63
N GLN B 74 3.55 -19.13 -16.09
CA GLN B 74 4.32 -20.02 -16.96
C GLN B 74 4.73 -19.32 -18.25
N GLU B 75 3.83 -18.50 -18.81
CA GLU B 75 4.13 -17.80 -20.05
C GLU B 75 5.14 -16.69 -19.83
N LEU B 76 5.07 -16.01 -18.69
CA LEU B 76 6.07 -14.99 -18.39
C LEU B 76 7.47 -15.61 -18.34
N LEU B 77 7.62 -16.74 -17.66
CA LEU B 77 8.93 -17.37 -17.60
C LEU B 77 9.42 -17.76 -18.99
N SER B 78 8.54 -18.31 -19.83
CA SER B 78 8.96 -18.62 -21.21
C SER B 78 9.43 -17.37 -21.94
N LEU B 79 8.72 -16.25 -21.77
CA LEU B 79 9.08 -15.04 -22.48
C LEU B 79 10.40 -14.45 -21.97
N ILE B 80 10.67 -14.52 -20.67
CA ILE B 80 11.93 -13.91 -20.25
C ILE B 80 13.10 -14.83 -20.59
N ILE B 81 12.90 -16.15 -20.66
CA ILE B 81 13.95 -17.03 -21.16
C ILE B 81 14.23 -16.71 -22.64
N GLU B 82 13.18 -16.53 -23.43
CA GLU B 82 13.34 -16.13 -24.82
C GLU B 82 14.09 -14.80 -24.94
N ARG B 83 13.77 -13.86 -24.05
CA ARG B 83 14.47 -12.56 -24.04
C ARG B 83 15.95 -12.74 -23.75
N PHE B 84 16.28 -13.65 -22.82
CA PHE B 84 17.66 -13.86 -22.38
C PHE B 84 18.54 -14.42 -23.49
N GLU B 85 17.98 -15.25 -24.37
CA GLU B 85 18.78 -16.00 -25.34
CA GLU B 85 18.78 -16.00 -25.34
C GLU B 85 18.96 -15.17 -26.61
N ILE B 86 19.90 -14.22 -26.55
CA ILE B 86 20.16 -13.26 -27.62
C ILE B 86 21.22 -13.79 -28.56
N PRO B 87 20.97 -13.81 -29.86
CA PRO B 87 21.99 -14.27 -30.80
C PRO B 87 23.07 -13.22 -30.98
N GLU B 88 24.34 -13.71 -31.14
CA GLU B 88 25.46 -12.82 -31.40
C GLU B 88 25.61 -12.56 -32.89
N PRO B 89 26.07 -11.38 -33.27
CA PRO B 89 26.20 -11.06 -34.70
C PRO B 89 27.36 -11.82 -35.34
N GLU B 90 27.28 -11.96 -36.67
CA GLU B 90 28.35 -12.61 -37.42
C GLU B 90 29.54 -11.67 -37.59
N PRO B 91 30.72 -12.20 -37.88
CA PRO B 91 31.89 -11.32 -38.11
C PRO B 91 31.63 -10.33 -39.23
N THR B 92 32.15 -9.12 -39.06
CA THR B 92 32.04 -8.08 -40.07
C THR B 92 33.08 -8.26 -41.15
N GLU B 93 32.98 -7.41 -42.19
CA GLU B 93 33.92 -7.47 -43.30
C GLU B 93 35.36 -7.30 -42.83
N ALA B 94 35.61 -6.34 -41.92
CA ALA B 94 36.97 -6.16 -41.42
C ALA B 94 37.44 -7.40 -40.66
N ASP B 95 36.55 -8.04 -39.90
CA ASP B 95 36.92 -9.28 -39.22
C ASP B 95 37.24 -10.38 -40.22
N ARG B 96 36.43 -10.50 -41.27
N ARG B 96 36.42 -10.49 -41.26
CA ARG B 96 36.69 -11.55 -42.26
CA ARG B 96 36.63 -11.49 -42.30
C ARG B 96 38.04 -11.35 -42.94
C ARG B 96 38.01 -11.34 -42.94
N ILE B 97 38.38 -10.11 -43.27
CA ILE B 97 39.65 -9.85 -43.94
C ILE B 97 40.82 -10.18 -43.02
N ALA B 98 40.69 -9.87 -41.73
CA ALA B 98 41.74 -10.24 -40.78
C ALA B 98 41.89 -11.76 -40.71
N ILE B 99 40.79 -12.48 -40.60
CA ILE B 99 40.85 -13.94 -40.48
C ILE B 99 41.46 -14.55 -41.73
N GLU B 100 41.16 -13.98 -42.90
CA GLU B 100 41.70 -14.49 -44.16
C GLU B 100 43.22 -14.30 -44.23
N ASN B 101 43.76 -13.35 -43.49
CA ASN B 101 45.19 -13.11 -43.44
C ASN B 101 45.86 -13.83 -42.27
N GLY B 102 45.13 -14.70 -41.58
CA GLY B 102 45.69 -15.41 -40.45
C GLY B 102 45.81 -14.60 -39.19
N ASP B 103 45.22 -13.41 -39.13
CA ASP B 103 45.31 -12.53 -37.98
C ASP B 103 44.07 -12.66 -37.11
N GLN B 104 44.20 -12.17 -35.87
CA GLN B 104 43.05 -12.17 -34.98
C GLN B 104 42.16 -10.98 -35.31
N PRO B 105 40.86 -11.18 -35.45
CA PRO B 105 39.97 -10.04 -35.73
C PRO B 105 39.84 -9.14 -34.52
N LEU B 106 39.59 -7.86 -34.79
CA LEU B 106 39.33 -6.92 -33.71
C LEU B 106 37.95 -7.16 -33.09
N SER B 107 37.00 -7.61 -33.90
CA SER B 107 35.64 -7.92 -33.42
C SER B 107 35.01 -6.75 -32.68
N ALA B 108 35.25 -5.54 -33.18
CA ALA B 108 34.81 -4.36 -32.45
C ALA B 108 33.29 -4.33 -32.30
N GLU B 109 32.56 -4.67 -33.37
CA GLU B 109 31.10 -4.59 -33.30
C GLU B 109 30.53 -5.70 -32.40
N LEU B 110 31.12 -6.90 -32.47
CA LEU B 110 30.69 -7.99 -31.59
C LEU B 110 30.92 -7.64 -30.14
N LYS B 111 32.12 -7.14 -29.82
CA LYS B 111 32.43 -6.78 -28.44
C LYS B 111 31.50 -5.68 -27.92
N ARG B 112 31.19 -4.69 -28.76
CA ARG B 112 30.27 -3.64 -28.33
C ARG B 112 28.88 -4.19 -28.10
N PHE B 113 28.41 -5.07 -29.00
CA PHE B 113 27.07 -5.64 -28.84
C PHE B 113 26.99 -6.47 -27.56
N ARG B 114 28.04 -7.23 -27.25
CA ARG B 114 28.06 -7.98 -25.98
C ARG B 114 28.00 -7.04 -24.78
N LYS B 115 28.80 -5.97 -24.81
CA LYS B 115 28.94 -5.10 -23.65
C LYS B 115 27.74 -4.18 -23.47
N GLU B 116 27.12 -3.74 -24.57
CA GLU B 116 26.09 -2.71 -24.50
C GLU B 116 24.70 -3.21 -24.78
N TYR B 117 24.54 -4.42 -25.35
CA TYR B 117 23.20 -5.00 -25.53
C TYR B 117 23.05 -6.28 -24.72
N ILE B 118 23.86 -7.31 -24.98
CA ILE B 118 23.61 -8.61 -24.38
C ILE B 118 23.75 -8.55 -22.87
N GLN B 119 24.88 -8.02 -22.38
CA GLN B 119 25.09 -8.08 -20.94
C GLN B 119 24.08 -7.26 -20.16
N PRO B 120 23.71 -6.05 -20.58
CA PRO B 120 22.66 -5.33 -19.83
C PRO B 120 21.30 -6.00 -19.89
N VAL B 121 20.88 -6.49 -21.07
CA VAL B 121 19.59 -7.16 -21.17
C VAL B 121 19.59 -8.42 -20.31
N GLN B 122 20.67 -9.21 -20.37
CA GLN B 122 20.70 -10.45 -19.60
C GLN B 122 20.72 -10.16 -18.11
N LEU B 123 21.48 -9.14 -17.69
CA LEU B 123 21.48 -8.76 -16.27
C LEU B 123 20.09 -8.32 -15.84
N ARG B 124 19.39 -7.59 -16.70
CA ARG B 124 18.07 -7.11 -16.30
C ARG B 124 17.03 -8.24 -16.31
N VAL B 125 17.20 -9.23 -17.19
CA VAL B 125 16.38 -10.45 -17.07
C VAL B 125 16.63 -11.13 -15.73
N LEU B 126 17.91 -11.29 -15.36
CA LEU B 126 18.19 -11.94 -14.09
C LEU B 126 17.66 -11.11 -12.93
N ASN B 127 17.65 -9.78 -13.05
CA ASN B 127 17.09 -8.96 -11.98
C ASN B 127 15.58 -9.18 -11.86
N VAL B 128 14.89 -9.40 -12.99
CA VAL B 128 13.48 -9.77 -12.93
C VAL B 128 13.33 -11.09 -12.19
N CYS B 129 14.18 -12.08 -12.51
CA CYS B 129 14.11 -13.37 -11.83
C CYS B 129 14.36 -13.22 -10.34
N ARG B 130 15.37 -12.42 -9.98
CA ARG B 130 15.72 -12.22 -8.57
C ARG B 130 14.57 -11.57 -7.81
N HIS B 131 13.97 -10.52 -8.39
CA HIS B 131 12.84 -9.87 -7.73
C HIS B 131 11.63 -10.79 -7.67
N TRP B 132 11.43 -11.59 -8.72
CA TRP B 132 10.31 -12.52 -8.76
C TRP B 132 10.40 -13.51 -7.61
N VAL B 133 11.58 -14.10 -7.42
CA VAL B 133 11.77 -15.09 -6.37
C VAL B 133 11.73 -14.44 -4.99
N GLU B 134 12.32 -13.25 -4.85
CA GLU B 134 12.45 -12.67 -3.51
C GLU B 134 11.15 -12.06 -3.01
N HIS B 135 10.36 -11.44 -3.90
CA HIS B 135 9.24 -10.62 -3.50
C HIS B 135 7.90 -11.10 -4.01
N HIS B 136 7.87 -12.09 -4.91
CA HIS B 136 6.62 -12.60 -5.47
C HIS B 136 6.68 -14.11 -5.54
N PHE B 137 7.26 -14.72 -4.49
CA PHE B 137 7.50 -16.16 -4.47
C PHE B 137 6.21 -16.98 -4.46
N TYR B 138 5.06 -16.36 -4.18
CA TYR B 138 3.82 -17.12 -4.16
C TYR B 138 3.55 -17.81 -5.49
N ASP B 139 4.01 -17.25 -6.62
CA ASP B 139 3.81 -17.95 -7.88
C ASP B 139 4.42 -19.33 -7.85
N PHE B 140 5.59 -19.46 -7.22
CA PHE B 140 6.31 -20.72 -7.14
C PHE B 140 5.77 -21.61 -6.01
N GLU B 141 5.23 -21.02 -4.94
CA GLU B 141 4.59 -21.83 -3.92
C GLU B 141 3.35 -22.51 -4.45
N ARG B 142 2.66 -21.87 -5.39
CA ARG B 142 1.40 -22.35 -5.91
C ARG B 142 1.55 -23.22 -7.14
N ASP B 143 2.75 -23.26 -7.73
CA ASP B 143 3.00 -24.03 -8.95
C ASP B 143 4.42 -24.59 -8.84
N ALA B 144 4.53 -25.82 -8.35
CA ALA B 144 5.84 -26.43 -8.16
C ALA B 144 6.59 -26.59 -9.47
N TYR B 145 5.87 -26.82 -10.58
CA TYR B 145 6.54 -26.99 -11.86
C TYR B 145 7.14 -25.66 -12.34
N LEU B 146 6.47 -24.54 -12.07
CA LEU B 146 7.07 -23.25 -12.39
C LEU B 146 8.41 -23.10 -11.67
N LEU B 147 8.48 -23.51 -10.40
CA LEU B 147 9.71 -23.40 -9.65
C LEU B 147 10.79 -24.30 -10.24
N GLN B 148 10.44 -25.53 -10.63
CA GLN B 148 11.39 -26.39 -11.30
C GLN B 148 11.96 -25.73 -12.54
N ARG B 149 11.09 -25.10 -13.36
CA ARG B 149 11.56 -24.46 -14.58
C ARG B 149 12.52 -23.32 -14.28
N MET B 150 12.19 -22.51 -13.25
CA MET B 150 13.07 -21.41 -12.88
C MET B 150 14.42 -21.93 -12.39
N GLU B 151 14.41 -22.97 -11.54
CA GLU B 151 15.67 -23.54 -11.05
C GLU B 151 16.53 -24.05 -12.20
N GLU B 152 15.90 -24.71 -13.17
N GLU B 152 15.91 -24.74 -13.15
CA GLU B 152 16.64 -25.27 -14.30
CA GLU B 152 16.66 -25.26 -14.30
C GLU B 152 17.19 -24.17 -15.20
C GLU B 152 17.22 -24.13 -15.14
N PHE B 153 16.42 -23.10 -15.40
CA PHE B 153 16.91 -21.97 -16.21
C PHE B 153 18.13 -21.33 -15.55
N ILE B 154 18.00 -20.93 -14.29
CA ILE B 154 19.09 -20.26 -13.60
C ILE B 154 20.29 -21.18 -13.48
N GLY B 155 20.04 -22.44 -13.12
CA GLY B 155 21.12 -23.38 -12.91
C GLY B 155 21.88 -23.78 -14.16
N THR B 156 21.39 -23.43 -15.35
CA THR B 156 22.08 -23.77 -16.58
C THR B 156 22.57 -22.56 -17.38
N VAL B 157 22.54 -21.35 -16.80
CA VAL B 157 23.15 -20.21 -17.46
C VAL B 157 24.66 -20.36 -17.43
N ARG B 158 25.29 -20.30 -18.60
CA ARG B 158 26.74 -20.48 -18.73
C ARG B 158 27.46 -19.14 -18.85
N GLY B 159 28.78 -19.19 -18.75
CA GLY B 159 29.55 -17.99 -19.07
C GLY B 159 29.81 -17.11 -17.86
N LYS B 160 30.98 -16.47 -17.83
CA LYS B 160 31.45 -15.87 -16.59
C LYS B 160 30.81 -14.53 -16.27
N ALA B 161 30.25 -13.81 -17.27
CA ALA B 161 29.77 -12.46 -16.99
C ALA B 161 28.59 -12.48 -16.01
N MET B 162 27.73 -13.49 -16.11
CA MET B 162 26.55 -13.59 -15.25
C MET B 162 26.76 -14.50 -14.03
N LYS B 163 27.94 -15.12 -13.90
CA LYS B 163 28.13 -16.22 -12.96
C LYS B 163 27.83 -15.82 -11.52
N LYS B 164 28.27 -14.64 -11.10
CA LYS B 164 28.06 -14.24 -9.71
C LYS B 164 26.57 -14.17 -9.37
N TRP B 165 25.77 -13.66 -10.29
CA TRP B 165 24.35 -13.51 -10.01
C TRP B 165 23.60 -14.82 -10.17
N VAL B 166 24.02 -15.67 -11.11
CA VAL B 166 23.39 -16.97 -11.27
C VAL B 166 23.61 -17.84 -10.02
N GLU B 167 24.85 -17.87 -9.53
CA GLU B 167 25.12 -18.65 -8.33
C GLU B 167 24.37 -18.08 -7.14
N SER B 168 24.26 -16.75 -7.08
CA SER B 168 23.53 -16.12 -5.98
C SER B 168 22.05 -16.45 -6.05
N ILE B 169 21.44 -16.32 -7.23
CA ILE B 169 20.01 -16.55 -7.36
C ILE B 169 19.67 -18.01 -7.06
N THR B 170 20.55 -18.94 -7.46
CA THR B 170 20.34 -20.34 -7.09
C THR B 170 20.24 -20.50 -5.59
N LYS B 171 21.14 -19.85 -4.84
CA LYS B 171 21.10 -19.96 -3.38
C LYS B 171 19.87 -19.28 -2.80
N ILE B 172 19.48 -18.13 -3.35
CA ILE B 172 18.29 -17.42 -2.85
C ILE B 172 17.06 -18.31 -3.00
N ILE B 173 16.92 -18.97 -4.15
CA ILE B 173 15.78 -19.86 -4.37
C ILE B 173 15.76 -20.97 -3.34
N GLN B 174 16.92 -21.60 -3.09
CA GLN B 174 16.95 -22.70 -2.14
C GLN B 174 16.61 -22.22 -0.74
N ARG B 175 17.05 -21.02 -0.38
N ARG B 175 17.02 -21.00 -0.37
CA ARG B 175 16.66 -20.41 0.90
CA ARG B 175 16.64 -20.45 0.93
C ARG B 175 15.16 -20.20 0.98
C ARG B 175 15.16 -20.16 1.00
N LYS B 176 14.58 -19.61 -0.08
CA LYS B 176 13.15 -19.31 -0.08
C LYS B 176 12.31 -20.56 0.08
N LYS B 177 12.82 -21.71 -0.36
CA LYS B 177 12.04 -22.94 -0.31
C LYS B 177 11.84 -23.41 1.12
N ILE B 178 12.85 -23.25 1.99
CA ILE B 178 12.73 -23.74 3.36
C ILE B 178 12.39 -22.64 4.36
N ALA B 179 12.16 -21.41 3.89
CA ALA B 179 11.77 -20.31 4.77
C ALA B 179 10.26 -20.25 4.92
N ASN B 187 14.35 -10.17 12.63
CA ASN B 187 15.33 -9.67 13.60
C ASN B 187 15.50 -8.15 13.44
N ILE B 188 15.16 -7.40 14.47
CA ILE B 188 15.04 -5.95 14.41
C ILE B 188 16.01 -5.32 15.39
N THR B 189 16.68 -4.24 14.96
CA THR B 189 17.59 -3.50 15.82
C THR B 189 17.15 -2.03 15.91
N PHE B 190 17.15 -1.50 17.14
CA PHE B 190 16.89 -0.09 17.43
C PHE B 190 18.08 0.48 18.18
N GLN B 191 18.27 1.80 18.06
CA GLN B 191 19.23 2.48 18.92
C GLN B 191 18.75 2.52 20.36
N SER B 192 17.56 3.09 20.56
CA SER B 192 17.01 3.28 21.89
C SER B 192 16.23 2.06 22.35
N SER B 193 16.04 1.98 23.66
CA SER B 193 15.22 0.94 24.26
C SER B 193 13.74 1.34 24.22
N PRO B 194 12.85 0.36 24.09
CA PRO B 194 11.42 0.65 24.19
C PRO B 194 11.07 1.11 25.58
N PRO B 195 9.99 1.88 25.74
CA PRO B 195 9.60 2.34 27.08
C PRO B 195 9.13 1.18 27.94
N THR B 196 9.13 1.45 29.24
CA THR B 196 8.71 0.44 30.21
C THR B 196 7.22 0.16 30.08
N VAL B 197 6.84 -1.12 30.16
CA VAL B 197 5.43 -1.48 30.12
C VAL B 197 4.72 -0.91 31.34
N GLU B 198 3.53 -0.35 31.13
CA GLU B 198 2.78 0.32 32.19
C GLU B 198 1.64 -0.56 32.69
N TRP B 199 1.45 -0.55 34.01
CA TRP B 199 0.41 -1.33 34.67
C TRP B 199 -0.45 -0.43 35.55
N HIS B 200 -1.72 -0.84 35.70
CA HIS B 200 -2.73 -0.06 36.43
C HIS B 200 -3.32 -1.00 37.50
N ILE B 201 -4.63 -1.30 37.44
CA ILE B 201 -5.25 -2.14 38.46
C ILE B 201 -4.84 -3.60 38.27
N SER B 202 -4.99 -4.12 37.05
CA SER B 202 -4.49 -5.46 36.75
C SER B 202 -2.98 -5.49 36.84
N ARG B 203 -2.45 -6.50 37.53
CA ARG B 203 -1.01 -6.61 37.70
C ARG B 203 -0.45 -7.73 36.82
N PRO B 204 0.86 -7.73 36.55
CA PRO B 204 1.43 -8.73 35.63
C PRO B 204 1.08 -10.14 36.04
N GLY B 205 0.63 -10.94 35.06
CA GLY B 205 0.27 -12.32 35.30
C GLY B 205 -1.18 -12.56 35.67
N HIS B 206 -1.94 -11.52 35.95
CA HIS B 206 -3.32 -11.67 36.44
C HIS B 206 -4.31 -11.44 35.31
N ILE B 207 -4.20 -12.29 34.29
CA ILE B 207 -4.96 -12.14 33.07
C ILE B 207 -6.46 -12.21 33.31
N GLU B 208 -6.88 -12.85 34.40
CA GLU B 208 -8.32 -12.99 34.68
C GLU B 208 -8.97 -11.67 35.06
N THR B 209 -8.18 -10.67 35.49
CA THR B 209 -8.73 -9.36 35.81
C THR B 209 -8.64 -8.36 34.66
N PHE B 210 -7.98 -8.72 33.56
CA PHE B 210 -7.79 -7.80 32.44
C PHE B 210 -9.14 -7.33 31.88
N ASP B 211 -9.26 -6.03 31.65
CA ASP B 211 -10.49 -5.46 31.10
C ASP B 211 -10.16 -4.03 30.69
N LEU B 212 -11.14 -3.37 30.07
CA LEU B 212 -10.93 -2.02 29.55
C LEU B 212 -10.43 -1.05 30.61
N LEU B 213 -11.00 -1.09 31.82
CA LEU B 213 -10.66 -0.09 32.84
C LEU B 213 -9.56 -0.55 33.78
N THR B 214 -9.19 -1.83 33.77
CA THR B 214 -8.18 -2.34 34.69
C THR B 214 -6.79 -2.42 34.10
N LEU B 215 -6.66 -2.62 32.79
CA LEU B 215 -5.37 -2.43 32.14
C LEU B 215 -5.06 -0.93 32.05
N HIS B 216 -3.79 -0.61 31.94
CA HIS B 216 -3.40 0.79 31.81
C HIS B 216 -3.76 1.28 30.42
N PRO B 217 -4.43 2.43 30.28
CA PRO B 217 -4.83 2.87 28.92
C PRO B 217 -3.64 3.08 28.00
N ILE B 218 -2.49 3.53 28.52
CA ILE B 218 -1.29 3.62 27.68
C ILE B 218 -0.94 2.27 27.10
N GLU B 219 -0.98 1.23 27.94
CA GLU B 219 -0.53 -0.08 27.51
C GLU B 219 -1.57 -0.76 26.63
N ILE B 220 -2.86 -0.48 26.86
CA ILE B 220 -3.88 -0.93 25.90
C ILE B 220 -3.55 -0.41 24.51
N ALA B 221 -3.30 0.89 24.40
CA ALA B 221 -3.01 1.49 23.11
C ALA B 221 -1.72 0.95 22.52
N ARG B 222 -0.68 0.75 23.34
CA ARG B 222 0.58 0.21 22.81
C ARG B 222 0.41 -1.21 22.29
N GLN B 223 -0.24 -2.08 23.08
CA GLN B 223 -0.33 -3.48 22.68
C GLN B 223 -1.26 -3.65 21.48
N LEU B 224 -2.34 -2.86 21.42
CA LEU B 224 -3.18 -2.87 20.23
C LEU B 224 -2.42 -2.35 19.01
N THR B 225 -1.54 -1.36 19.21
CA THR B 225 -0.77 -0.84 18.08
C THR B 225 0.22 -1.89 17.56
N LEU B 226 0.90 -2.61 18.46
CA LEU B 226 1.76 -3.70 18.01
C LEU B 226 0.96 -4.76 17.24
N LEU B 227 -0.19 -5.15 17.77
CA LEU B 227 -1.03 -6.15 17.10
C LEU B 227 -1.48 -5.65 15.73
N GLU B 228 -1.95 -4.40 15.67
CA GLU B 228 -2.51 -3.87 14.43
C GLU B 228 -1.42 -3.56 13.43
N SER B 229 -0.24 -3.17 13.91
CA SER B 229 0.91 -3.01 13.02
C SER B 229 1.32 -4.35 12.42
N ASP B 230 1.41 -5.40 13.23
CA ASP B 230 1.72 -6.73 12.68
C ASP B 230 0.68 -7.17 11.66
N LEU B 231 -0.59 -6.93 11.92
CA LEU B 231 -1.62 -7.30 10.95
C LEU B 231 -1.48 -6.51 9.66
N TYR B 232 -1.19 -5.20 9.79
CA TYR B 232 -1.00 -4.36 8.61
C TYR B 232 0.19 -4.84 7.78
N ARG B 233 1.30 -5.16 8.45
CA ARG B 233 2.54 -5.53 7.78
C ARG B 233 2.45 -6.88 7.08
N ALA B 234 1.49 -7.72 7.47
CA ALA B 234 1.37 -9.07 6.92
C ALA B 234 0.65 -9.12 5.58
N VAL B 235 -0.01 -8.04 5.15
CA VAL B 235 -0.83 -8.08 3.93
C VAL B 235 0.07 -7.96 2.71
N GLN B 236 0.01 -8.94 1.84
CA GLN B 236 0.82 -8.98 0.62
C GLN B 236 0.03 -8.47 -0.57
N PRO B 237 0.70 -7.96 -1.61
CA PRO B 237 -0.05 -7.48 -2.78
C PRO B 237 -0.88 -8.56 -3.47
N SER B 238 -0.46 -9.83 -3.37
CA SER B 238 -1.25 -10.93 -3.92
C SER B 238 -2.66 -10.96 -3.37
N GLU B 239 -2.88 -10.41 -2.19
CA GLU B 239 -4.22 -10.39 -1.62
CA GLU B 239 -4.22 -10.38 -1.60
C GLU B 239 -5.07 -9.23 -2.14
N LEU B 240 -4.49 -8.36 -2.97
CA LEU B 240 -5.13 -7.12 -3.40
C LEU B 240 -5.34 -7.05 -4.90
N VAL B 241 -4.34 -7.44 -5.69
CA VAL B 241 -4.48 -7.29 -7.13
C VAL B 241 -5.61 -8.18 -7.65
N GLY B 242 -6.32 -7.68 -8.66
CA GLY B 242 -7.49 -8.39 -9.14
C GLY B 242 -8.70 -8.29 -8.26
N SER B 243 -8.66 -7.40 -7.26
CA SER B 243 -9.76 -7.18 -6.31
C SER B 243 -10.21 -8.48 -5.65
N VAL B 244 -9.26 -9.37 -5.37
CA VAL B 244 -9.63 -10.73 -4.98
C VAL B 244 -10.26 -10.79 -3.60
N TRP B 245 -10.06 -9.78 -2.73
CA TRP B 245 -10.66 -9.79 -1.40
C TRP B 245 -12.16 -9.54 -1.45
N THR B 246 -12.70 -9.19 -2.61
CA THR B 246 -14.14 -9.00 -2.78
C THR B 246 -14.83 -10.16 -3.46
N LYS B 247 -14.07 -11.14 -3.97
CA LYS B 247 -14.60 -12.19 -4.81
C LYS B 247 -14.93 -13.44 -3.99
N GLU B 248 -15.49 -14.45 -4.67
CA GLU B 248 -16.01 -15.62 -3.96
C GLU B 248 -14.93 -16.37 -3.20
N ASP B 249 -13.70 -16.35 -3.69
CA ASP B 249 -12.60 -17.06 -3.05
C ASP B 249 -11.78 -16.16 -2.12
N LYS B 250 -12.37 -15.07 -1.62
CA LYS B 250 -11.63 -14.12 -0.79
C LYS B 250 -10.96 -14.78 0.43
N GLU B 251 -11.58 -15.80 1.04
CA GLU B 251 -10.94 -16.40 2.20
C GLU B 251 -9.66 -17.13 1.84
N ILE B 252 -9.58 -17.64 0.60
CA ILE B 252 -8.39 -18.33 0.12
C ILE B 252 -7.32 -17.32 -0.28
N ASN B 253 -7.72 -16.25 -0.98
CA ASN B 253 -6.76 -15.37 -1.61
C ASN B 253 -6.36 -14.17 -0.78
N SER B 254 -7.17 -13.78 0.22
CA SER B 254 -6.88 -12.58 1.01
C SER B 254 -6.96 -12.84 2.53
N PRO B 255 -6.36 -13.94 3.02
CA PRO B 255 -6.57 -14.26 4.44
C PRO B 255 -5.95 -13.26 5.42
N ASN B 256 -4.77 -12.69 5.12
CA ASN B 256 -4.17 -11.74 6.05
C ASN B 256 -4.95 -10.43 6.06
N LEU B 257 -5.38 -9.96 4.89
CA LEU B 257 -6.22 -8.77 4.86
C LEU B 257 -7.50 -8.97 5.66
N LEU B 258 -8.18 -10.10 5.44
CA LEU B 258 -9.43 -10.31 6.16
C LEU B 258 -9.20 -10.43 7.67
N LYS B 259 -8.11 -11.07 8.09
N LYS B 259 -8.10 -11.07 8.10
CA LYS B 259 -7.80 -11.12 9.53
CA LYS B 259 -7.81 -11.13 9.53
C LYS B 259 -7.62 -9.72 10.09
C LYS B 259 -7.61 -9.73 10.10
N MET B 260 -6.95 -8.86 9.33
CA MET B 260 -6.72 -7.49 9.76
CA MET B 260 -6.73 -7.49 9.78
C MET B 260 -8.05 -6.75 9.91
N ILE B 261 -8.92 -6.85 8.90
CA ILE B 261 -10.20 -6.14 8.95
C ILE B 261 -11.06 -6.70 10.08
N ARG B 262 -11.05 -8.02 10.27
CA ARG B 262 -11.89 -8.61 11.31
C ARG B 262 -11.41 -8.21 12.70
N HIS B 263 -10.10 -8.06 12.88
CA HIS B 263 -9.62 -7.50 14.16
C HIS B 263 -10.19 -6.10 14.39
N THR B 264 -10.11 -5.25 13.37
CA THR B 264 -10.62 -3.88 13.47
C THR B 264 -12.11 -3.88 13.83
N THR B 265 -12.88 -4.71 13.14
CA THR B 265 -14.32 -4.77 13.41
C THR B 265 -14.57 -5.26 14.83
N ASN B 266 -13.85 -6.31 15.25
CA ASN B 266 -14.06 -6.84 16.60
C ASN B 266 -13.73 -5.80 17.68
N LEU B 267 -12.65 -5.04 17.50
CA LEU B 267 -12.31 -4.04 18.52
C LEU B 267 -13.35 -2.94 18.57
N THR B 268 -13.82 -2.49 17.41
CA THR B 268 -14.87 -1.48 17.38
C THR B 268 -16.10 -1.97 18.12
N LEU B 269 -16.52 -3.20 17.83
CA LEU B 269 -17.69 -3.76 18.52
C LEU B 269 -17.43 -3.94 20.01
N TRP B 270 -16.19 -4.29 20.41
CA TRP B 270 -15.90 -4.40 21.84
C TRP B 270 -16.05 -3.05 22.54
N PHE B 271 -15.56 -1.97 21.91
CA PHE B 271 -15.74 -0.64 22.49
C PHE B 271 -17.22 -0.32 22.66
N GLU B 272 -18.02 -0.59 21.62
CA GLU B 272 -19.47 -0.34 21.73
C GLU B 272 -20.08 -1.16 22.85
N LYS B 273 -19.70 -2.43 22.96
CA LYS B 273 -20.25 -3.31 23.98
C LYS B 273 -19.86 -2.84 25.38
N CYS B 274 -18.60 -2.46 25.57
CA CYS B 274 -18.19 -1.92 26.88
C CYS B 274 -19.02 -0.73 27.27
N ILE B 275 -19.36 0.13 26.30
CA ILE B 275 -20.11 1.35 26.58
C ILE B 275 -21.56 1.01 26.96
N VAL B 276 -22.28 0.30 26.08
CA VAL B 276 -23.72 0.15 26.30
C VAL B 276 -24.03 -0.89 27.37
N GLU B 277 -23.11 -1.80 27.69
CA GLU B 277 -23.35 -2.71 28.82
C GLU B 277 -23.00 -2.07 30.16
N THR B 278 -22.51 -0.84 30.18
CA THR B 278 -22.29 -0.12 31.43
C THR B 278 -23.53 0.75 31.61
N GLU B 279 -24.51 0.23 32.37
CA GLU B 279 -25.81 0.89 32.46
CA GLU B 279 -25.81 0.89 32.47
C GLU B 279 -25.80 2.11 33.36
N ASN B 280 -24.97 2.13 34.40
CA ASN B 280 -24.88 3.31 35.26
C ASN B 280 -24.24 4.47 34.49
N LEU B 281 -24.89 5.64 34.52
CA LEU B 281 -24.45 6.77 33.71
C LEU B 281 -23.03 7.22 34.08
N GLU B 282 -22.76 7.39 35.39
CA GLU B 282 -21.43 7.82 35.83
C GLU B 282 -20.36 6.82 35.40
N GLU B 283 -20.63 5.52 35.56
CA GLU B 283 -19.65 4.53 35.12
C GLU B 283 -19.48 4.55 33.61
N ARG B 284 -20.56 4.78 32.87
CA ARG B 284 -20.46 4.78 31.41
C ARG B 284 -19.66 5.98 30.91
N VAL B 285 -19.78 7.12 31.60
CA VAL B 285 -18.93 8.27 31.29
C VAL B 285 -17.46 7.92 31.49
N ALA B 286 -17.16 7.17 32.56
CA ALA B 286 -15.78 6.75 32.81
C ALA B 286 -15.27 5.83 31.69
N VAL B 287 -16.14 4.92 31.24
CA VAL B 287 -15.77 4.02 30.13
C VAL B 287 -15.49 4.82 28.86
N VAL B 288 -16.38 5.74 28.51
CA VAL B 288 -16.20 6.51 27.28
C VAL B 288 -14.95 7.37 27.37
N SER B 289 -14.75 8.01 28.52
N SER B 289 -14.75 8.02 28.51
CA SER B 289 -13.56 8.83 28.73
CA SER B 289 -13.54 8.83 28.70
C SER B 289 -12.28 8.00 28.58
C SER B 289 -12.28 7.99 28.55
N ARG B 290 -12.30 6.77 29.08
CA ARG B 290 -11.11 5.91 28.96
C ARG B 290 -10.84 5.56 27.51
N ILE B 291 -11.90 5.31 26.73
CA ILE B 291 -11.70 4.97 25.32
C ILE B 291 -11.14 6.18 24.55
N ILE B 292 -11.59 7.39 24.91
CA ILE B 292 -11.03 8.57 24.26
C ILE B 292 -9.56 8.77 24.66
N GLU B 293 -9.18 8.42 25.90
CA GLU B 293 -7.76 8.44 26.25
C GLU B 293 -6.97 7.45 25.42
N ILE B 294 -7.52 6.26 25.18
CA ILE B 294 -6.84 5.30 24.31
C ILE B 294 -6.68 5.88 22.92
N LEU B 295 -7.72 6.56 22.42
N LEU B 295 -7.73 6.54 22.41
CA LEU B 295 -7.63 7.22 21.12
CA LEU B 295 -7.65 7.24 21.14
C LEU B 295 -6.50 8.25 21.10
C LEU B 295 -6.47 8.22 21.13
N GLN B 296 -6.32 9.00 22.20
CA GLN B 296 -5.24 9.98 22.27
C GLN B 296 -3.88 9.31 22.12
N VAL B 297 -3.70 8.14 22.74
CA VAL B 297 -2.42 7.46 22.62
C VAL B 297 -2.24 6.87 21.22
N PHE B 298 -3.32 6.34 20.65
CA PHE B 298 -3.27 5.91 19.24
C PHE B 298 -2.79 7.05 18.35
N GLN B 299 -3.33 8.26 18.56
CA GLN B 299 -2.89 9.40 17.77
C GLN B 299 -1.40 9.67 17.97
N GLU B 300 -0.93 9.62 19.22
CA GLU B 300 0.48 9.85 19.49
C GLU B 300 1.36 8.82 18.81
N LEU B 301 0.87 7.60 18.66
CA LEU B 301 1.61 6.50 18.03
C LEU B 301 1.43 6.45 16.52
N ASN B 302 0.68 7.38 15.93
CA ASN B 302 0.33 7.32 14.50
C ASN B 302 -0.37 6.02 14.14
N ASN B 303 -1.15 5.45 15.08
CA ASN B 303 -1.96 4.27 14.74
C ASN B 303 -3.31 4.78 14.24
N PHE B 304 -3.39 5.05 12.94
CA PHE B 304 -4.63 5.60 12.39
C PHE B 304 -5.72 4.55 12.32
N ASN B 305 -5.37 3.28 12.12
CA ASN B 305 -6.37 2.23 12.22
C ASN B 305 -7.04 2.26 13.59
N GLY B 306 -6.23 2.37 14.65
CA GLY B 306 -6.77 2.44 16.00
C GLY B 306 -7.62 3.69 16.21
N VAL B 307 -7.14 4.84 15.74
CA VAL B 307 -7.93 6.06 15.81
C VAL B 307 -9.33 5.83 15.22
N LEU B 308 -9.39 5.25 14.02
CA LEU B 308 -10.70 5.08 13.38
C LEU B 308 -11.51 3.96 14.00
N GLU B 309 -10.87 2.98 14.63
CA GLU B 309 -11.62 2.00 15.43
C GLU B 309 -12.45 2.70 16.49
N VAL B 310 -11.85 3.66 17.17
CA VAL B 310 -12.57 4.39 18.23
C VAL B 310 -13.63 5.29 17.62
N VAL B 311 -13.26 6.05 16.58
CA VAL B 311 -14.21 6.96 15.95
C VAL B 311 -15.42 6.19 15.42
N SER B 312 -15.18 5.04 14.79
CA SER B 312 -16.30 4.22 14.27
C SER B 312 -17.21 3.79 15.40
N ALA B 313 -16.63 3.43 16.55
CA ALA B 313 -17.47 3.01 17.68
C ALA B 313 -18.31 4.17 18.21
N MET B 314 -17.71 5.36 18.33
CA MET B 314 -18.45 6.50 18.88
C MET B 314 -19.54 6.97 17.93
N ASN B 315 -19.38 6.72 16.63
CA ASN B 315 -20.38 7.12 15.65
C ASN B 315 -21.35 6.01 15.30
N SER B 316 -21.23 4.85 15.96
CA SER B 316 -22.19 3.78 15.73
C SER B 316 -23.56 4.18 16.25
N SER B 317 -24.61 3.59 15.67
CA SER B 317 -25.97 3.92 16.11
CA SER B 317 -25.95 3.96 16.12
C SER B 317 -26.17 3.73 17.61
N PRO B 318 -25.68 2.67 18.26
CA PRO B 318 -25.96 2.54 19.71
C PRO B 318 -25.27 3.60 20.55
N VAL B 319 -24.10 4.08 20.16
CA VAL B 319 -23.35 5.00 21.01
C VAL B 319 -23.68 6.46 20.70
N TYR B 320 -23.79 6.77 19.41
CA TYR B 320 -23.95 8.16 18.99
C TYR B 320 -25.17 8.82 19.62
N ARG B 321 -26.20 8.03 19.90
CA ARG B 321 -27.45 8.58 20.42
C ARG B 321 -27.42 8.83 21.93
N LEU B 322 -26.31 8.53 22.61
CA LEU B 322 -26.27 8.61 24.08
C LEU B 322 -25.94 10.03 24.53
N ASP B 323 -26.91 10.93 24.33
CA ASP B 323 -26.70 12.35 24.61
C ASP B 323 -26.38 12.64 26.08
N HIS B 324 -26.98 11.89 27.01
CA HIS B 324 -26.68 12.13 28.43
C HIS B 324 -25.24 11.77 28.76
N THR B 325 -24.69 10.78 28.07
CA THR B 325 -23.30 10.41 28.27
C THR B 325 -22.38 11.47 27.68
N PHE B 326 -22.64 11.86 26.44
CA PHE B 326 -21.81 12.87 25.78
C PHE B 326 -21.78 14.16 26.57
N GLU B 327 -22.91 14.55 27.17
CA GLU B 327 -22.95 15.81 27.91
C GLU B 327 -21.93 15.86 29.03
N GLN B 328 -21.63 14.71 29.65
CA GLN B 328 -20.72 14.70 30.80
C GLN B 328 -19.26 14.47 30.42
N ILE B 329 -18.96 14.25 29.15
CA ILE B 329 -17.56 14.08 28.73
C ILE B 329 -16.83 15.41 28.86
N PRO B 330 -15.66 15.45 29.49
CA PRO B 330 -14.92 16.72 29.60
C PRO B 330 -14.69 17.37 28.23
N SER B 331 -14.70 18.71 28.22
CA SER B 331 -14.60 19.45 26.97
CA SER B 331 -14.60 19.45 26.97
C SER B 331 -13.33 19.10 26.20
N ARG B 332 -12.21 18.95 26.91
CA ARG B 332 -10.98 18.62 26.19
C ARG B 332 -11.10 17.28 25.48
N GLN B 333 -11.87 16.35 26.03
CA GLN B 333 -12.02 15.04 25.39
C GLN B 333 -13.03 15.10 24.26
N LYS B 334 -14.09 15.90 24.39
CA LYS B 334 -14.95 16.17 23.25
C LYS B 334 -14.12 16.67 22.08
N LYS B 335 -13.17 17.57 22.36
CA LYS B 335 -12.37 18.15 21.29
C LYS B 335 -11.47 17.10 20.65
N ILE B 336 -10.86 16.21 21.45
CA ILE B 336 -10.02 15.15 20.90
C ILE B 336 -10.82 14.26 19.95
N LEU B 337 -12.01 13.86 20.38
CA LEU B 337 -12.84 13.00 19.56
C LEU B 337 -13.30 13.72 18.29
N GLU B 338 -13.71 14.98 18.42
CA GLU B 338 -14.18 15.72 17.26
C GLU B 338 -13.06 15.94 16.23
N GLU B 339 -11.85 16.24 16.70
CA GLU B 339 -10.76 16.42 15.76
C GLU B 339 -10.37 15.11 15.10
N ALA B 340 -10.44 13.99 15.84
CA ALA B 340 -10.21 12.70 15.22
C ALA B 340 -11.25 12.40 14.16
N HIS B 341 -12.52 12.69 14.44
CA HIS B 341 -13.56 12.49 13.45
C HIS B 341 -13.35 13.35 12.21
N GLU B 342 -12.81 14.56 12.39
CA GLU B 342 -12.58 15.43 11.24
C GLU B 342 -11.60 14.82 10.24
N LEU B 343 -10.73 13.90 10.68
CA LEU B 343 -9.84 13.22 9.73
C LEU B 343 -10.62 12.50 8.64
N SER B 344 -11.81 11.97 8.97
CA SER B 344 -12.57 11.19 8.00
CA SER B 344 -12.59 11.18 8.02
C SER B 344 -13.46 12.04 7.12
N GLU B 345 -13.72 13.29 7.50
CA GLU B 345 -14.64 14.13 6.75
C GLU B 345 -14.11 14.43 5.35
N ASP B 346 -15.05 14.77 4.46
CA ASP B 346 -14.73 15.13 3.08
CA ASP B 346 -14.74 15.12 3.07
C ASP B 346 -13.85 14.08 2.42
N HIS B 347 -14.29 12.82 2.48
CA HIS B 347 -13.58 11.72 1.83
C HIS B 347 -12.14 11.62 2.33
N TYR B 348 -11.99 11.70 3.67
CA TYR B 348 -10.70 11.48 4.35
C TYR B 348 -9.65 12.52 4.00
N LYS B 349 -10.07 13.74 3.62
CA LYS B 349 -9.11 14.75 3.17
C LYS B 349 -8.02 14.99 4.21
N LYS B 350 -8.42 15.23 5.47
CA LYS B 350 -7.41 15.54 6.49
C LYS B 350 -6.62 14.31 6.89
N TYR B 351 -7.24 13.12 6.88
CA TYR B 351 -6.49 11.89 7.13
C TYR B 351 -5.36 11.73 6.13
N LEU B 352 -5.68 11.86 4.83
CA LEU B 352 -4.68 11.65 3.80
C LEU B 352 -3.51 12.61 3.96
N ALA B 353 -3.81 13.87 4.29
CA ALA B 353 -2.76 14.85 4.49
C ALA B 353 -1.94 14.53 5.73
N LYS B 354 -2.59 14.05 6.79
CA LYS B 354 -1.86 13.72 8.01
C LYS B 354 -0.97 12.52 7.82
N LEU B 355 -1.48 11.47 7.16
CA LEU B 355 -0.66 10.29 6.90
C LEU B 355 0.62 10.66 6.16
N ARG B 356 0.51 11.55 5.18
CA ARG B 356 1.65 11.96 4.36
C ARG B 356 2.56 12.95 5.06
N SER B 357 2.20 13.40 6.26
CA SER B 357 3.03 14.35 6.99
C SER B 357 3.77 13.75 8.17
N ILE B 358 3.31 12.62 8.73
CA ILE B 358 3.89 12.14 9.99
C ILE B 358 5.22 11.44 9.76
N ASN B 359 5.92 11.19 10.87
CA ASN B 359 7.14 10.41 10.85
C ASN B 359 6.80 8.98 11.21
N PRO B 360 6.94 8.01 10.32
CA PRO B 360 6.63 6.62 10.67
C PRO B 360 7.54 6.14 11.79
N PRO B 361 7.18 5.03 12.47
CA PRO B 361 6.12 4.08 12.13
C PRO B 361 4.71 4.59 12.32
N CYS B 362 3.82 4.01 11.52
CA CYS B 362 2.40 4.30 11.59
C CYS B 362 1.66 3.04 11.21
N VAL B 363 0.35 3.03 11.49
CA VAL B 363 -0.55 2.00 11.00
C VAL B 363 -1.64 2.69 10.19
N PRO B 364 -1.55 2.66 8.87
CA PRO B 364 -2.60 3.27 8.04
C PRO B 364 -3.93 2.58 8.19
N PHE B 365 -4.98 3.33 7.87
CA PHE B 365 -6.30 2.72 7.66
C PHE B 365 -6.32 2.08 6.27
N PHE B 366 -6.60 0.78 6.19
CA PHE B 366 -6.49 0.08 4.92
C PHE B 366 -7.68 0.36 3.98
N GLY B 367 -8.82 0.77 4.51
CA GLY B 367 -10.03 0.80 3.71
C GLY B 367 -9.95 1.70 2.48
N ILE B 368 -9.26 2.84 2.62
CA ILE B 368 -9.12 3.75 1.47
C ILE B 368 -8.35 3.10 0.35
N TYR B 369 -7.27 2.37 0.68
CA TYR B 369 -6.52 1.66 -0.33
C TYR B 369 -7.38 0.64 -1.07
N LEU B 370 -8.23 -0.07 -0.32
CA LEU B 370 -9.08 -1.09 -0.93
C LEU B 370 -10.04 -0.45 -1.94
N THR B 371 -10.70 0.64 -1.54
CA THR B 371 -11.63 1.30 -2.44
C THR B 371 -10.90 1.83 -3.68
N ASN B 372 -9.69 2.37 -3.49
CA ASN B 372 -8.98 2.93 -4.65
C ASN B 372 -8.47 1.83 -5.58
N ILE B 373 -8.01 0.71 -5.05
CA ILE B 373 -7.62 -0.41 -5.92
C ILE B 373 -8.82 -0.93 -6.68
N LEU B 374 -9.93 -1.15 -5.98
N LEU B 374 -9.93 -1.16 -5.98
CA LEU B 374 -11.13 -1.70 -6.62
CA LEU B 374 -11.11 -1.70 -6.63
C LEU B 374 -11.64 -0.79 -7.72
C LEU B 374 -11.60 -0.79 -7.75
N LYS B 375 -11.68 0.52 -7.47
CA LYS B 375 -12.23 1.44 -8.46
C LYS B 375 -11.28 1.64 -9.62
N THR B 376 -9.97 1.59 -9.37
CA THR B 376 -9.02 1.63 -10.49
C THR B 376 -9.19 0.41 -11.38
N GLU B 377 -9.43 -0.76 -10.79
CA GLU B 377 -9.58 -1.95 -11.61
CA GLU B 377 -9.60 -1.99 -11.57
C GLU B 377 -10.91 -1.96 -12.35
N GLU B 378 -11.99 -1.50 -11.71
CA GLU B 378 -13.30 -1.52 -12.35
CA GLU B 378 -13.30 -1.51 -12.35
C GLU B 378 -13.46 -0.40 -13.37
N GLY B 379 -12.76 0.72 -13.18
CA GLY B 379 -12.98 1.90 -13.98
C GLY B 379 -12.08 2.09 -15.17
N ASN B 380 -11.20 1.14 -15.46
CA ASN B 380 -10.28 1.23 -16.58
C ASN B 380 -10.30 -0.08 -17.37
N PRO B 381 -10.18 -0.01 -18.69
CA PRO B 381 -10.22 -1.23 -19.50
C PRO B 381 -8.91 -2.00 -19.46
N GLU B 382 -9.04 -3.33 -19.59
CA GLU B 382 -7.86 -4.19 -19.61
C GLU B 382 -7.00 -3.92 -20.84
N VAL B 383 -7.62 -3.60 -21.98
CA VAL B 383 -6.88 -3.39 -23.21
C VAL B 383 -7.29 -2.07 -23.85
N LEU B 384 -6.39 -1.53 -24.66
CA LEU B 384 -6.68 -0.42 -25.55
C LEU B 384 -6.60 -0.91 -26.98
N LYS B 385 -7.58 -0.53 -27.80
CA LYS B 385 -7.63 -0.96 -29.19
C LYS B 385 -7.04 0.14 -30.06
N ARG B 386 -6.01 -0.20 -30.83
CA ARG B 386 -5.27 0.77 -31.62
C ARG B 386 -4.88 0.09 -32.93
N HIS B 387 -5.28 0.69 -34.05
CA HIS B 387 -4.88 0.20 -35.38
C HIS B 387 -5.22 -1.28 -35.56
N GLY B 388 -6.38 -1.68 -35.06
CA GLY B 388 -6.83 -3.06 -35.15
C GLY B 388 -6.17 -4.02 -34.18
N LYS B 389 -5.21 -3.56 -33.38
CA LYS B 389 -4.53 -4.41 -32.41
C LYS B 389 -5.08 -4.16 -31.01
N GLU B 390 -5.00 -5.16 -30.16
CA GLU B 390 -5.33 -5.00 -28.76
C GLU B 390 -4.03 -4.89 -27.98
N LEU B 391 -3.86 -3.78 -27.28
CA LEU B 391 -2.66 -3.54 -26.48
C LEU B 391 -3.03 -3.61 -25.01
N ILE B 392 -2.14 -4.20 -24.21
CA ILE B 392 -2.36 -4.23 -22.77
C ILE B 392 -2.35 -2.82 -22.23
N ASN B 393 -3.40 -2.44 -21.51
CA ASN B 393 -3.46 -1.12 -20.89
C ASN B 393 -2.55 -1.12 -19.66
N PHE B 394 -1.29 -0.74 -19.83
CA PHE B 394 -0.37 -0.83 -18.70
C PHE B 394 -0.55 0.32 -17.70
N SER B 395 -1.02 1.47 -18.17
N SER B 395 -1.02 1.47 -18.17
CA SER B 395 -1.26 2.59 -17.26
CA SER B 395 -1.27 2.59 -17.27
C SER B 395 -2.17 2.18 -16.11
C SER B 395 -2.18 2.19 -16.12
N LYS B 396 -3.18 1.35 -16.39
CA LYS B 396 -4.08 0.88 -15.35
C LYS B 396 -3.32 0.06 -14.30
N ARG B 397 -2.39 -0.79 -14.74
CA ARG B 397 -1.61 -1.59 -13.82
C ARG B 397 -0.63 -0.74 -13.03
N ARG B 398 -0.04 0.28 -13.66
CA ARG B 398 0.82 1.19 -12.92
C ARG B 398 0.05 1.90 -11.80
N LYS B 399 -1.19 2.31 -12.07
CA LYS B 399 -1.99 2.96 -11.03
C LYS B 399 -2.23 2.03 -9.84
N VAL B 400 -2.54 0.75 -10.12
CA VAL B 400 -2.72 -0.20 -9.03
C VAL B 400 -1.43 -0.37 -8.25
N ALA B 401 -0.30 -0.50 -8.96
CA ALA B 401 0.97 -0.70 -8.28
C ALA B 401 1.44 0.53 -7.53
N GLU B 402 0.99 1.72 -7.92
CA GLU B 402 1.30 2.89 -7.10
CA GLU B 402 1.29 2.89 -7.10
C GLU B 402 0.64 2.77 -5.73
N ILE B 403 -0.57 2.20 -5.69
CA ILE B 403 -1.24 2.02 -4.40
C ILE B 403 -0.57 0.92 -3.60
N THR B 404 -0.29 -0.23 -4.23
CA THR B 404 0.37 -1.28 -3.47
C THR B 404 1.76 -0.85 -3.03
N GLY B 405 2.42 0.02 -3.82
CA GLY B 405 3.71 0.54 -3.38
C GLY B 405 3.60 1.43 -2.16
N GLU B 406 2.54 2.26 -2.09
N GLU B 406 2.56 2.27 -2.11
CA GLU B 406 2.33 3.10 -0.92
CA GLU B 406 2.37 3.09 -0.92
C GLU B 406 2.05 2.27 0.31
C GLU B 406 2.12 2.21 0.30
N ILE B 407 1.27 1.19 0.16
CA ILE B 407 1.03 0.26 1.26
C ILE B 407 2.36 -0.30 1.76
N GLN B 408 3.18 -0.80 0.84
CA GLN B 408 4.45 -1.43 1.22
C GLN B 408 5.38 -0.45 1.91
N GLN B 409 5.38 0.82 1.47
CA GLN B 409 6.29 1.78 2.08
C GLN B 409 6.02 1.91 3.57
N TYR B 410 4.75 1.87 3.99
CA TYR B 410 4.43 1.97 5.42
C TYR B 410 4.56 0.65 6.15
N GLN B 411 4.82 -0.45 5.44
CA GLN B 411 5.01 -1.74 6.10
C GLN B 411 6.45 -1.94 6.55
N ASN B 412 7.36 -1.01 6.25
CA ASN B 412 8.77 -1.27 6.51
C ASN B 412 9.16 -0.97 7.95
N GLN B 413 8.61 0.08 8.54
CA GLN B 413 9.14 0.65 9.79
C GLN B 413 8.53 -0.05 10.99
N PRO B 414 9.33 -0.66 11.86
CA PRO B 414 8.78 -1.33 13.04
C PRO B 414 8.64 -0.39 14.23
N TYR B 415 7.66 -0.72 15.09
CA TYR B 415 7.47 0.04 16.32
C TYR B 415 8.47 -0.35 17.40
N CYS B 416 9.03 0.65 18.08
CA CYS B 416 9.92 0.42 19.21
C CYS B 416 9.10 0.36 20.50
N LEU B 417 8.35 -0.73 20.62
CA LEU B 417 7.49 -1.00 21.77
C LEU B 417 7.65 -2.47 22.16
N ARG B 418 7.66 -2.73 23.47
CA ARG B 418 7.81 -4.09 23.97
C ARG B 418 6.47 -4.82 24.00
N VAL B 419 6.45 -6.05 23.48
CA VAL B 419 5.26 -6.89 23.58
C VAL B 419 5.07 -7.34 25.02
N GLU B 420 3.82 -7.32 25.48
CA GLU B 420 3.42 -7.96 26.72
C GLU B 420 2.54 -9.14 26.31
N SER B 421 3.05 -10.35 26.51
N SER B 421 3.05 -10.35 26.49
CA SER B 421 2.43 -11.52 25.90
CA SER B 421 2.42 -11.51 25.87
C SER B 421 1.01 -11.76 26.41
C SER B 421 1.01 -11.77 26.41
N ASP B 422 0.76 -11.49 27.70
CA ASP B 422 -0.57 -11.71 28.24
C ASP B 422 -1.57 -10.67 27.74
N ILE B 423 -1.15 -9.40 27.67
CA ILE B 423 -2.06 -8.38 27.15
C ILE B 423 -2.32 -8.63 25.66
N LYS B 424 -1.28 -9.03 24.92
N LYS B 424 -1.28 -9.02 24.93
CA LYS B 424 -1.45 -9.38 23.51
CA LYS B 424 -1.44 -9.39 23.52
C LYS B 424 -2.46 -10.52 23.35
C LYS B 424 -2.47 -10.51 23.36
N ARG B 425 -2.33 -11.56 24.15
CA ARG B 425 -3.26 -12.69 24.07
C ARG B 425 -4.69 -12.25 24.42
N PHE B 426 -4.84 -11.37 25.40
CA PHE B 426 -6.15 -10.86 25.76
C PHE B 426 -6.83 -10.21 24.56
N PHE B 427 -6.11 -9.37 23.82
CA PHE B 427 -6.74 -8.70 22.69
C PHE B 427 -6.86 -9.63 21.48
N GLU B 428 -5.97 -10.60 21.33
CA GLU B 428 -6.14 -11.57 20.24
C GLU B 428 -7.38 -12.43 20.43
N ASN B 429 -7.76 -12.69 21.67
CA ASN B 429 -8.87 -13.58 21.97
C ASN B 429 -10.18 -12.85 22.21
N LEU B 430 -10.19 -11.52 22.09
CA LEU B 430 -11.41 -10.74 22.26
C LEU B 430 -12.48 -11.22 21.28
N ASN B 431 -13.70 -11.42 21.78
CA ASN B 431 -14.78 -11.96 20.96
C ASN B 431 -16.11 -11.40 21.43
N PRO B 432 -16.35 -10.11 21.21
CA PRO B 432 -17.56 -9.48 21.79
C PRO B 432 -18.85 -10.11 21.30
N MET B 433 -18.90 -10.61 20.06
CA MET B 433 -20.13 -11.18 19.54
CA MET B 433 -20.14 -11.18 19.55
C MET B 433 -20.42 -12.57 20.11
N GLY B 434 -19.44 -13.23 20.70
CA GLY B 434 -19.71 -14.58 21.20
C GLY B 434 -20.12 -15.50 20.07
N ASN B 435 -21.14 -16.33 20.31
CA ASN B 435 -21.67 -17.19 19.26
C ASN B 435 -22.80 -16.54 18.46
N SER B 436 -23.10 -15.27 18.71
CA SER B 436 -24.23 -14.62 18.05
C SER B 436 -23.87 -14.22 16.64
N MET B 437 -24.88 -14.23 15.77
CA MET B 437 -24.71 -13.69 14.44
C MET B 437 -24.72 -12.16 14.48
N GLU B 438 -24.27 -11.55 13.38
CA GLU B 438 -24.04 -10.11 13.35
C GLU B 438 -25.32 -9.32 13.64
N LYS B 439 -26.42 -9.64 12.95
CA LYS B 439 -27.63 -8.84 13.12
C LYS B 439 -28.16 -8.97 14.54
N GLU B 440 -28.22 -10.20 15.05
CA GLU B 440 -28.61 -10.46 16.43
C GLU B 440 -27.79 -9.62 17.41
N PHE B 441 -26.48 -9.57 17.20
CA PHE B 441 -25.62 -8.85 18.13
C PHE B 441 -25.78 -7.34 18.00
N THR B 442 -25.83 -6.82 16.77
CA THR B 442 -25.93 -5.37 16.67
C THR B 442 -27.32 -4.88 17.08
N ASP B 443 -28.36 -5.71 16.90
CA ASP B 443 -29.66 -5.36 17.48
C ASP B 443 -29.61 -5.39 19.00
N TYR B 444 -28.88 -6.34 19.58
CA TYR B 444 -28.71 -6.37 21.02
C TYR B 444 -28.07 -5.08 21.52
N LEU B 445 -27.00 -4.64 20.86
CA LEU B 445 -26.35 -3.40 21.29
C LEU B 445 -27.30 -2.22 21.21
N PHE B 446 -28.11 -2.16 20.16
CA PHE B 446 -29.01 -1.03 20.01
C PHE B 446 -30.11 -1.08 21.06
N ASN B 447 -30.61 -2.28 21.35
CA ASN B 447 -31.63 -2.38 22.40
C ASN B 447 -31.06 -2.03 23.77
N LYS B 448 -29.78 -2.35 24.03
CA LYS B 448 -29.17 -1.90 25.27
CA LYS B 448 -29.12 -1.89 25.25
C LYS B 448 -29.09 -0.38 25.31
N SER B 449 -28.74 0.27 24.19
CA SER B 449 -28.71 1.72 24.14
C SER B 449 -30.07 2.30 24.50
N LEU B 450 -31.14 1.74 23.93
CA LEU B 450 -32.49 2.21 24.23
C LEU B 450 -32.84 1.98 25.70
N GLU B 451 -32.35 0.90 26.29
CA GLU B 451 -32.62 0.63 27.71
C GLU B 451 -31.97 1.68 28.61
N ILE B 452 -30.69 1.98 28.36
CA ILE B 452 -29.94 2.82 29.29
C ILE B 452 -30.23 4.30 29.09
N GLU B 453 -30.61 4.73 27.87
CA GLU B 453 -31.05 6.10 27.61
C GLU B 453 -32.24 6.04 26.68
N PRO B 454 -33.45 5.90 27.23
CA PRO B 454 -34.65 5.76 26.39
C PRO B 454 -34.92 6.98 25.52
N ARG B 455 -35.61 6.75 24.40
N ARG B 455 -35.60 6.75 24.40
CA ARG B 455 -36.03 7.84 23.54
CA ARG B 455 -36.02 7.84 23.53
C ARG B 455 -36.93 8.81 24.29
C ARG B 455 -36.95 8.80 24.27
N ASN B 456 -36.73 10.09 24.05
CA ASN B 456 -37.65 11.08 24.59
C ASN B 456 -39.05 10.82 24.05
N PRO B 457 -40.11 11.02 24.84
CA PRO B 457 -40.11 11.60 26.18
C PRO B 457 -40.06 10.60 27.34
N LYS B 458 -39.63 9.36 27.09
CA LYS B 458 -39.52 8.40 28.17
C LYS B 458 -38.47 8.90 29.17
N PRO B 459 -38.72 8.75 30.47
CA PRO B 459 -37.76 9.28 31.45
C PRO B 459 -36.47 8.47 31.48
N LEU B 460 -35.41 9.14 31.90
CA LEU B 460 -34.11 8.50 32.05
C LEU B 460 -34.08 7.69 33.34
N PRO B 461 -33.93 6.37 33.28
CA PRO B 461 -33.84 5.57 34.51
C PRO B 461 -32.48 5.71 35.17
N ARG B 462 -32.39 5.18 36.38
CA ARG B 462 -31.15 5.04 37.12
C ARG B 462 -30.78 3.56 37.16
N PHE B 463 -29.48 3.28 37.22
CA PHE B 463 -29.01 1.90 37.22
C PHE B 463 -27.91 1.73 38.25
N PRO B 464 -27.78 0.54 38.85
CA PRO B 464 -26.72 0.32 39.84
C PRO B 464 -25.34 0.25 39.20
N LYS B 465 -24.34 0.58 40.00
CA LYS B 465 -22.94 0.41 39.60
C LYS B 465 -22.61 -1.07 39.39
N LYS B 466 -21.68 -1.33 38.47
CA LYS B 466 -21.21 -2.68 38.20
C LYS B 466 -19.73 -2.90 38.49
N TYR B 467 -18.94 -1.83 38.66
CA TYR B 467 -17.49 -1.95 38.85
C TYR B 467 -17.16 -1.73 40.32
N SER B 468 -16.37 -2.65 40.90
CA SER B 468 -16.02 -2.57 42.31
C SER B 468 -14.68 -1.88 42.55
N TYR B 469 -13.94 -1.54 41.51
CA TYR B 469 -12.62 -0.93 41.59
C TYR B 469 -12.70 0.54 41.21
N PRO B 470 -11.66 1.32 41.51
CA PRO B 470 -11.72 2.77 41.23
C PRO B 470 -11.84 3.04 39.72
N LEU B 471 -12.67 4.02 39.38
CA LEU B 471 -12.87 4.42 37.99
C LEU B 471 -11.90 5.50 37.54
N LYS B 472 -11.14 6.11 38.46
CA LYS B 472 -10.26 7.20 38.06
C LYS B 472 -9.16 6.69 37.14
N SER B 473 -8.98 7.39 36.02
CA SER B 473 -7.95 6.99 35.07
C SER B 473 -6.57 7.35 35.62
N PRO B 474 -5.55 6.52 35.36
CA PRO B 474 -4.18 6.93 35.65
C PRO B 474 -3.63 7.93 34.64
N GLY B 475 -4.40 8.24 33.59
CA GLY B 475 -3.96 9.19 32.58
C GLY B 475 -3.11 8.53 31.52
N VAL B 476 -2.72 9.33 30.52
CA VAL B 476 -1.98 8.76 29.39
C VAL B 476 -0.61 9.42 29.20
N ARG B 477 -0.11 10.09 30.21
CA ARG B 477 1.31 10.48 30.12
C ARG B 477 2.18 9.41 30.75
N PRO B 478 3.23 8.95 30.08
CA PRO B 478 4.01 7.82 30.59
C PRO B 478 4.87 8.19 31.80
N SER B 479 5.15 7.17 32.60
CA SER B 479 5.97 7.27 33.80
C SER B 479 7.33 6.65 33.53
N ASN B 480 8.33 7.04 34.31
CA ASN B 480 9.69 6.53 34.10
C ASN B 480 10.43 6.47 35.43
N PRO B 481 10.37 5.34 36.13
CA PRO B 481 11.29 5.12 37.25
C PRO B 481 12.70 4.85 36.74
N ARG B 482 13.66 4.92 37.65
CA ARG B 482 15.04 4.65 37.27
C ARG B 482 15.17 3.16 36.91
N GLY C 1 -24.61 29.20 -2.75
CA GLY C 1 -25.20 29.24 -4.08
C GLY C 1 -26.01 28.00 -4.40
N MET C 2 -25.42 27.08 -5.16
CA MET C 2 -26.16 25.90 -5.58
C MET C 2 -26.17 24.85 -4.49
N THR C 3 -27.26 24.10 -4.44
CA THR C 3 -27.45 23.05 -3.45
C THR C 3 -26.48 21.92 -3.71
N GLU C 4 -25.91 21.38 -2.64
CA GLU C 4 -25.10 20.16 -2.69
C GLU C 4 -25.88 19.03 -2.05
N TYR C 5 -25.96 17.90 -2.74
CA TYR C 5 -26.64 16.71 -2.22
C TYR C 5 -25.59 15.67 -1.87
N LYS C 6 -25.64 15.18 -0.65
CA LYS C 6 -24.73 14.12 -0.21
C LYS C 6 -25.44 12.77 -0.38
N LEU C 7 -25.00 12.00 -1.36
CA LEU C 7 -25.59 10.72 -1.69
C LEU C 7 -24.67 9.60 -1.26
N VAL C 8 -25.25 8.49 -0.81
CA VAL C 8 -24.47 7.35 -0.33
C VAL C 8 -24.92 6.10 -1.07
N VAL C 9 -23.96 5.36 -1.62
CA VAL C 9 -24.21 4.09 -2.30
C VAL C 9 -23.97 2.95 -1.32
N VAL C 10 -24.97 2.07 -1.16
CA VAL C 10 -24.82 0.92 -0.28
C VAL C 10 -25.23 -0.35 -1.02
N GLY C 11 -24.64 -1.47 -0.62
CA GLY C 11 -25.02 -2.74 -1.20
C GLY C 11 -23.91 -3.76 -1.10
N ALA C 12 -24.25 -4.99 -1.45
CA ALA C 12 -23.31 -6.09 -1.35
C ALA C 12 -22.06 -5.85 -2.17
N GLY C 13 -20.92 -6.36 -1.67
CA GLY C 13 -19.69 -6.30 -2.43
C GLY C 13 -19.55 -7.41 -3.44
N GLY C 14 -18.52 -7.28 -4.28
CA GLY C 14 -18.13 -8.34 -5.19
C GLY C 14 -19.02 -8.51 -6.40
N VAL C 15 -19.98 -7.62 -6.61
CA VAL C 15 -20.95 -7.82 -7.70
C VAL C 15 -21.12 -6.55 -8.53
N GLY C 16 -20.06 -5.74 -8.65
CA GLY C 16 -20.07 -4.64 -9.60
C GLY C 16 -20.74 -3.35 -9.17
N LYS C 17 -21.03 -3.21 -7.87
CA LYS C 17 -21.68 -1.99 -7.35
C LYS C 17 -20.96 -0.72 -7.77
N SER C 18 -19.61 -0.74 -7.79
CA SER C 18 -18.86 0.49 -8.03
C SER C 18 -19.06 1.04 -9.44
N ALA C 19 -19.55 0.24 -10.38
CA ALA C 19 -19.71 0.73 -11.75
C ALA C 19 -20.74 1.84 -11.84
N LEU C 20 -21.71 1.86 -10.92
N LEU C 20 -21.68 1.90 -10.90
CA LEU C 20 -22.73 2.91 -10.92
CA LEU C 20 -22.74 2.91 -10.96
C LEU C 20 -22.11 4.29 -10.87
C LEU C 20 -22.16 4.32 -10.84
N THR C 21 -21.35 4.55 -9.81
CA THR C 21 -20.80 5.89 -9.60
C THR C 21 -19.68 6.19 -10.58
N ILE C 22 -18.86 5.19 -10.91
CA ILE C 22 -17.81 5.39 -11.90
C ILE C 22 -18.41 5.85 -13.22
N GLN C 23 -19.48 5.19 -13.67
CA GLN C 23 -20.07 5.57 -14.96
C GLN C 23 -20.70 6.95 -14.91
N LEU C 24 -21.27 7.33 -13.76
CA LEU C 24 -21.85 8.66 -13.62
C LEU C 24 -20.78 9.74 -13.68
N ILE C 25 -19.78 9.63 -12.81
CA ILE C 25 -18.77 10.67 -12.63
C ILE C 25 -17.81 10.68 -13.81
N GLN C 26 -17.63 9.53 -14.46
CA GLN C 26 -16.66 9.38 -15.53
C GLN C 26 -16.80 10.48 -16.55
N ASN C 27 -15.67 10.80 -17.18
CA ASN C 27 -15.70 11.21 -18.57
C ASN C 27 -16.67 10.24 -19.21
N HIS C 28 -17.91 10.66 -19.47
CA HIS C 28 -18.91 9.72 -19.98
C HIS C 28 -18.38 8.96 -21.19
N PHE C 29 -17.59 9.64 -22.03
CA PHE C 29 -17.20 9.13 -23.33
C PHE C 29 -15.74 8.68 -23.43
N VAL C 30 -15.00 8.64 -22.33
CA VAL C 30 -13.69 7.99 -22.34
C VAL C 30 -13.65 7.05 -21.15
N ASP C 31 -13.43 5.77 -21.42
CA ASP C 31 -13.50 4.73 -20.38
C ASP C 31 -12.21 4.76 -19.58
N GLU C 32 -12.20 5.58 -18.53
CA GLU C 32 -11.01 5.85 -17.73
C GLU C 32 -11.45 6.36 -16.35
N TYR C 33 -10.57 6.19 -15.37
CA TYR C 33 -10.89 6.62 -14.00
C TYR C 33 -9.61 6.65 -13.16
N ASP C 34 -9.46 7.70 -12.36
CA ASP C 34 -8.48 7.71 -11.26
C ASP C 34 -9.25 8.09 -10.00
N PRO C 35 -9.57 7.12 -9.15
CA PRO C 35 -10.36 7.43 -7.95
C PRO C 35 -9.60 8.23 -6.92
N THR C 36 -8.27 8.27 -7.00
CA THR C 36 -7.50 9.00 -6.01
C THR C 36 -7.59 10.50 -6.22
N ILE C 37 -8.14 10.93 -7.36
CA ILE C 37 -8.12 12.34 -7.73
C ILE C 37 -9.20 13.06 -6.94
N GLU C 38 -8.75 14.00 -6.08
CA GLU C 38 -9.57 15.02 -5.46
C GLU C 38 -10.78 15.33 -6.32
N ASP C 39 -11.96 14.98 -5.82
CA ASP C 39 -13.24 15.24 -6.50
C ASP C 39 -13.38 14.38 -7.76
N SER C 40 -13.06 13.09 -7.62
N SER C 40 -13.07 13.08 -7.62
CA SER C 40 -13.51 12.04 -8.53
CA SER C 40 -13.55 12.09 -8.57
C SER C 40 -14.89 11.52 -8.12
C SER C 40 -14.89 11.52 -8.12
N TYR C 41 -15.56 12.22 -7.21
CA TYR C 41 -16.84 11.78 -6.64
C TYR C 41 -17.74 12.99 -6.44
N ARG C 42 -17.44 14.10 -7.11
CA ARG C 42 -18.27 15.30 -7.14
C ARG C 42 -18.59 15.64 -8.58
N LYS C 43 -19.84 15.99 -8.84
CA LYS C 43 -20.28 16.28 -10.21
C LYS C 43 -21.39 17.31 -10.16
N GLN C 44 -21.22 18.38 -10.93
CA GLN C 44 -22.26 19.38 -11.11
C GLN C 44 -23.19 18.94 -12.23
N VAL C 45 -24.50 18.94 -11.94
CA VAL C 45 -25.51 18.46 -12.88
C VAL C 45 -26.70 19.41 -12.87
N VAL C 46 -27.51 19.31 -13.92
CA VAL C 46 -28.78 20.04 -14.01
C VAL C 46 -29.90 19.01 -14.00
N ILE C 47 -30.73 19.08 -12.98
CA ILE C 47 -31.86 18.16 -12.81
C ILE C 47 -33.14 18.98 -12.79
N ASP C 48 -34.02 18.74 -13.77
CA ASP C 48 -35.28 19.48 -13.91
C ASP C 48 -35.03 20.97 -13.95
N GLY C 49 -33.98 21.38 -14.67
CA GLY C 49 -33.65 22.77 -14.86
C GLY C 49 -32.94 23.45 -13.71
N GLU C 50 -32.66 22.73 -12.62
CA GLU C 50 -32.01 23.30 -11.45
C GLU C 50 -30.62 22.70 -11.30
N THR C 51 -29.61 23.56 -11.33
CA THR C 51 -28.22 23.12 -11.20
C THR C 51 -27.92 22.78 -9.75
N CYS C 52 -27.22 21.67 -9.55
CA CYS C 52 -26.81 21.27 -8.22
C CYS C 52 -25.51 20.49 -8.29
N LEU C 53 -24.94 20.22 -7.13
CA LEU C 53 -23.69 19.51 -6.99
C LEU C 53 -23.96 18.20 -6.26
N LEU C 54 -23.56 17.09 -6.87
CA LEU C 54 -23.68 15.78 -6.24
C LEU C 54 -22.35 15.41 -5.60
N ASP C 55 -22.38 15.05 -4.33
CA ASP C 55 -21.23 14.48 -3.65
C ASP C 55 -21.59 13.04 -3.33
N ILE C 56 -20.88 12.09 -3.95
CA ILE C 56 -21.26 10.68 -3.85
C ILE C 56 -20.23 9.93 -3.02
N LEU C 57 -20.70 9.28 -1.97
CA LEU C 57 -19.87 8.39 -1.16
C LEU C 57 -20.15 6.96 -1.60
N ASP C 58 -19.12 6.29 -2.13
CA ASP C 58 -19.22 4.87 -2.49
C ASP C 58 -17.99 4.21 -1.90
N THR C 59 -18.16 3.47 -0.81
CA THR C 59 -17.05 2.82 -0.12
C THR C 59 -16.82 1.40 -0.62
N ALA C 60 -17.24 1.12 -1.86
CA ALA C 60 -17.03 -0.19 -2.48
C ALA C 60 -15.64 -0.70 -2.19
N GLY C 61 -15.56 -1.96 -1.76
CA GLY C 61 -14.32 -2.58 -1.35
C GLY C 61 -14.15 -2.66 0.16
N GLN C 62 -14.87 -1.84 0.92
CA GLN C 62 -14.76 -1.81 2.37
C GLN C 62 -15.88 -2.56 3.06
N GLU C 63 -16.55 -3.47 2.36
CA GLU C 63 -17.74 -4.11 2.93
C GLU C 63 -17.41 -4.91 4.20
N GLU C 64 -16.19 -5.44 4.32
CA GLU C 64 -15.87 -6.22 5.51
C GLU C 64 -15.71 -5.35 6.75
N TYR C 65 -15.52 -4.03 6.60
CA TYR C 65 -15.52 -3.11 7.75
C TYR C 65 -16.96 -2.79 8.16
N SER C 66 -17.65 -3.82 8.66
CA SER C 66 -19.08 -3.71 8.87
C SER C 66 -19.42 -2.74 10.02
N ALA C 67 -18.49 -2.54 10.96
CA ALA C 67 -18.80 -1.63 12.04
C ALA C 67 -18.60 -0.17 11.68
N MET C 68 -18.12 0.13 10.46
CA MET C 68 -18.02 1.49 9.98
C MET C 68 -19.25 1.94 9.20
N ARG C 69 -20.18 1.02 8.90
CA ARG C 69 -21.29 1.38 8.04
C ARG C 69 -22.13 2.50 8.63
N ASP C 70 -22.41 2.44 9.94
CA ASP C 70 -23.23 3.48 10.57
C ASP C 70 -22.64 4.86 10.34
N GLN C 71 -21.35 5.02 10.58
CA GLN C 71 -20.73 6.33 10.43
C GLN C 71 -20.80 6.80 8.98
N TYR C 72 -20.43 5.91 8.04
CA TYR C 72 -20.52 6.28 6.63
C TYR C 72 -21.95 6.67 6.24
N MET C 73 -22.94 5.88 6.66
CA MET C 73 -24.32 6.14 6.27
C MET C 73 -24.82 7.46 6.83
N ARG C 74 -24.40 7.83 8.04
CA ARG C 74 -24.98 9.04 8.63
C ARG C 74 -24.61 10.28 7.82
N THR C 75 -23.55 10.22 7.01
CA THR C 75 -23.19 11.38 6.19
C THR C 75 -24.23 11.68 5.10
N GLY C 76 -25.10 10.72 4.76
CA GLY C 76 -25.92 10.86 3.57
C GLY C 76 -27.28 11.49 3.80
N GLU C 77 -27.74 12.23 2.79
CA GLU C 77 -29.12 12.70 2.72
C GLU C 77 -30.02 11.78 1.93
N GLY C 78 -29.44 11.02 0.99
CA GLY C 78 -30.20 10.10 0.17
C GLY C 78 -29.32 8.91 -0.15
N PHE C 79 -29.96 7.76 -0.40
CA PHE C 79 -29.25 6.49 -0.50
C PHE C 79 -29.65 5.73 -1.75
N LEU C 80 -28.67 5.19 -2.45
CA LEU C 80 -28.91 4.22 -3.51
C LEU C 80 -28.61 2.84 -2.94
N CYS C 81 -29.63 2.00 -2.87
CA CYS C 81 -29.47 0.63 -2.34
C CYS C 81 -29.36 -0.28 -3.53
N VAL C 82 -28.17 -0.85 -3.76
CA VAL C 82 -27.81 -1.51 -5.01
C VAL C 82 -27.71 -3.02 -4.77
N PHE C 83 -28.32 -3.80 -5.65
CA PHE C 83 -28.09 -5.24 -5.71
C PHE C 83 -27.78 -5.61 -7.16
N ALA C 84 -27.22 -6.80 -7.35
CA ALA C 84 -26.93 -7.33 -8.67
C ALA C 84 -28.04 -8.24 -9.14
N ILE C 85 -28.50 -8.06 -10.38
CA ILE C 85 -29.63 -8.84 -10.84
C ILE C 85 -29.30 -10.29 -11.07
N ASN C 86 -28.03 -10.68 -11.03
CA ASN C 86 -27.67 -12.09 -11.09
C ASN C 86 -27.19 -12.64 -9.76
N ASN C 87 -27.49 -11.95 -8.65
CA ASN C 87 -27.03 -12.40 -7.33
C ASN C 87 -28.20 -12.24 -6.36
N THR C 88 -28.92 -13.34 -6.15
N THR C 88 -28.93 -13.34 -6.14
CA THR C 88 -30.10 -13.29 -5.30
CA THR C 88 -30.12 -13.26 -5.29
C THR C 88 -29.77 -12.88 -3.88
C THR C 88 -29.77 -12.88 -3.86
N LYS C 89 -28.62 -13.33 -3.35
CA LYS C 89 -28.24 -12.96 -2.00
C LYS C 89 -28.13 -11.44 -1.86
N SER C 90 -27.55 -10.75 -2.86
CA SER C 90 -27.43 -9.29 -2.77
C SER C 90 -28.81 -8.64 -2.74
N PHE C 91 -29.80 -9.26 -3.41
CA PHE C 91 -31.16 -8.74 -3.37
C PHE C 91 -31.79 -8.97 -2.00
N GLU C 92 -31.56 -10.16 -1.43
CA GLU C 92 -32.10 -10.45 -0.10
C GLU C 92 -31.47 -9.58 0.97
N ASP C 93 -30.24 -9.09 0.75
CA ASP C 93 -29.58 -8.17 1.69
C ASP C 93 -30.26 -6.81 1.77
N ILE C 94 -31.08 -6.44 0.77
CA ILE C 94 -31.58 -5.07 0.69
C ILE C 94 -32.37 -4.70 1.93
N HIS C 95 -33.22 -5.62 2.41
CA HIS C 95 -34.07 -5.32 3.57
C HIS C 95 -33.24 -4.83 4.75
N GLN C 96 -32.12 -5.51 5.04
CA GLN C 96 -31.33 -5.12 6.20
C GLN C 96 -30.58 -3.79 5.97
N TYR C 97 -30.14 -3.53 4.74
CA TYR C 97 -29.55 -2.21 4.46
C TYR C 97 -30.55 -1.10 4.71
N ARG C 98 -31.79 -1.28 4.24
CA ARG C 98 -32.80 -0.25 4.44
C ARG C 98 -33.12 -0.06 5.92
N GLU C 99 -33.23 -1.16 6.68
CA GLU C 99 -33.48 -1.03 8.11
C GLU C 99 -32.34 -0.30 8.80
N GLN C 100 -31.11 -0.57 8.37
CA GLN C 100 -29.96 0.09 8.99
C GLN C 100 -29.92 1.58 8.67
N ILE C 101 -30.24 1.94 7.43
CA ILE C 101 -30.33 3.35 7.05
C ILE C 101 -31.37 4.07 7.92
N LYS C 102 -32.54 3.46 8.08
CA LYS C 102 -33.61 4.07 8.88
C LYS C 102 -33.17 4.26 10.32
N ARG C 103 -32.45 3.29 10.87
CA ARG C 103 -31.95 3.43 12.24
C ARG C 103 -30.90 4.52 12.34
N VAL C 104 -29.95 4.54 11.41
CA VAL C 104 -28.85 5.52 11.47
C VAL C 104 -29.39 6.93 11.30
N LYS C 105 -30.34 7.11 10.39
CA LYS C 105 -30.90 8.44 10.18
C LYS C 105 -32.03 8.76 11.16
N ASP C 106 -32.46 7.78 11.97
CA ASP C 106 -33.53 7.95 12.96
C ASP C 106 -34.80 8.49 12.29
N SER C 107 -35.19 7.85 11.20
CA SER C 107 -36.36 8.27 10.45
C SER C 107 -36.95 7.08 9.71
N ASP C 108 -38.28 7.04 9.63
CA ASP C 108 -38.93 6.00 8.86
C ASP C 108 -39.09 6.37 7.39
N ASP C 109 -38.70 7.59 7.01
CA ASP C 109 -38.89 8.11 5.66
C ASP C 109 -37.59 8.78 5.21
N VAL C 110 -36.63 7.98 4.80
CA VAL C 110 -35.34 8.46 4.32
C VAL C 110 -35.36 8.39 2.80
N PRO C 111 -34.96 9.45 2.08
CA PRO C 111 -34.90 9.36 0.61
C PRO C 111 -33.98 8.24 0.14
N MET C 112 -34.53 7.35 -0.67
CA MET C 112 -33.73 6.23 -1.15
C MET C 112 -34.36 5.67 -2.42
N VAL C 113 -33.51 5.02 -3.22
CA VAL C 113 -33.94 4.33 -4.43
C VAL C 113 -33.36 2.93 -4.40
N LEU C 114 -34.10 1.99 -4.97
CA LEU C 114 -33.63 0.62 -5.16
C LEU C 114 -33.05 0.51 -6.56
N VAL C 115 -31.83 -0.01 -6.67
CA VAL C 115 -31.15 -0.10 -7.97
C VAL C 115 -30.77 -1.55 -8.22
N GLY C 116 -31.24 -2.10 -9.34
CA GLY C 116 -30.85 -3.41 -9.79
C GLY C 116 -29.82 -3.26 -10.90
N ASN C 117 -28.63 -3.80 -10.67
CA ASN C 117 -27.46 -3.55 -11.51
C ASN C 117 -27.12 -4.81 -12.32
N LYS C 118 -27.00 -4.65 -13.63
N LYS C 118 -27.03 -4.67 -13.63
CA LYS C 118 -26.60 -5.74 -14.52
CA LYS C 118 -26.60 -5.77 -14.48
C LYS C 118 -25.09 -5.63 -14.72
C LYS C 118 -25.10 -5.62 -14.69
N CYS C 119 -24.33 -6.47 -14.01
CA CYS C 119 -22.88 -6.33 -13.97
C CYS C 119 -22.14 -7.26 -14.92
N ASP C 120 -22.83 -8.22 -15.54
CA ASP C 120 -22.20 -9.05 -16.56
C ASP C 120 -23.29 -9.72 -17.37
N LEU C 121 -22.90 -10.71 -18.17
CA LEU C 121 -23.83 -11.47 -18.99
C LEU C 121 -24.25 -12.78 -18.35
N ALA C 122 -23.82 -13.05 -17.11
CA ALA C 122 -24.33 -14.20 -16.38
C ALA C 122 -25.84 -14.07 -16.19
N ALA C 123 -26.51 -15.21 -16.03
CA ALA C 123 -27.96 -15.24 -16.13
C ALA C 123 -28.60 -14.47 -15.00
N ARG C 124 -29.61 -13.67 -15.35
CA ARG C 124 -30.38 -12.97 -14.33
C ARG C 124 -31.09 -13.97 -13.42
N THR C 125 -31.07 -13.71 -12.11
CA THR C 125 -31.80 -14.52 -11.15
C THR C 125 -32.85 -13.74 -10.38
N VAL C 126 -32.84 -12.41 -10.44
CA VAL C 126 -33.86 -11.57 -9.82
C VAL C 126 -34.64 -10.94 -10.95
N GLU C 127 -35.91 -11.31 -11.09
CA GLU C 127 -36.73 -10.73 -12.14
C GLU C 127 -37.16 -9.32 -11.76
N SER C 128 -37.38 -8.50 -12.78
CA SER C 128 -37.75 -7.12 -12.50
C SER C 128 -39.04 -7.03 -11.72
N ARG C 129 -39.99 -7.96 -11.91
CA ARG C 129 -41.23 -7.90 -11.15
C ARG C 129 -40.97 -8.10 -9.65
N GLN C 130 -40.04 -9.00 -9.30
CA GLN C 130 -39.69 -9.18 -7.88
C GLN C 130 -39.17 -7.89 -7.27
N ALA C 131 -38.29 -7.19 -8.01
CA ALA C 131 -37.70 -5.97 -7.47
C ALA C 131 -38.71 -4.84 -7.43
N GLN C 132 -39.57 -4.73 -8.46
CA GLN C 132 -40.64 -3.73 -8.42
C GLN C 132 -41.55 -3.95 -7.22
N ASP C 133 -41.90 -5.22 -6.95
CA ASP C 133 -42.77 -5.49 -5.81
C ASP C 133 -42.09 -5.10 -4.50
N LEU C 134 -40.80 -5.40 -4.37
CA LEU C 134 -40.07 -5.00 -3.17
C LEU C 134 -40.06 -3.48 -3.03
N ALA C 135 -39.73 -2.77 -4.11
CA ALA C 135 -39.66 -1.31 -4.03
C ALA C 135 -41.04 -0.71 -3.70
N ARG C 136 -42.10 -1.27 -4.29
CA ARG C 136 -43.43 -0.76 -3.97
C ARG C 136 -43.78 -1.00 -2.51
N SER C 137 -43.38 -2.15 -1.96
CA SER C 137 -43.66 -2.41 -0.55
C SER C 137 -42.97 -1.41 0.36
N TYR C 138 -41.84 -0.87 -0.06
CA TYR C 138 -41.11 0.16 0.67
C TYR C 138 -41.54 1.58 0.33
N GLY C 139 -42.32 1.77 -0.73
CA GLY C 139 -42.66 3.11 -1.16
C GLY C 139 -41.53 3.86 -1.83
N ILE C 140 -40.63 3.18 -2.53
CA ILE C 140 -39.48 3.84 -3.15
C ILE C 140 -39.40 3.47 -4.62
N PRO C 141 -38.71 4.29 -5.43
CA PRO C 141 -38.53 3.96 -6.85
C PRO C 141 -37.59 2.79 -7.05
N TYR C 142 -37.76 2.14 -8.22
CA TYR C 142 -36.85 1.11 -8.68
C TYR C 142 -36.26 1.52 -10.03
N ILE C 143 -34.94 1.45 -10.14
CA ILE C 143 -34.23 1.74 -11.39
C ILE C 143 -33.32 0.58 -11.69
N GLU C 144 -33.31 0.10 -12.94
CA GLU C 144 -32.32 -0.88 -13.38
C GLU C 144 -31.24 -0.21 -14.22
N THR C 145 -30.00 -0.65 -14.04
CA THR C 145 -28.84 -0.05 -14.67
C THR C 145 -27.96 -1.12 -15.28
N SER C 146 -27.20 -0.75 -16.30
CA SER C 146 -26.17 -1.61 -16.86
C SER C 146 -24.80 -1.11 -16.42
N ALA C 147 -23.95 -2.02 -15.96
CA ALA C 147 -22.60 -1.68 -15.56
C ALA C 147 -21.67 -1.47 -16.74
N LYS C 148 -22.15 -1.68 -17.95
CA LYS C 148 -21.31 -1.60 -19.14
C LYS C 148 -21.73 -0.56 -20.15
N THR C 149 -23.04 -0.28 -20.30
CA THR C 149 -23.52 0.63 -21.34
C THR C 149 -23.92 1.98 -20.81
N ARG C 150 -23.87 2.19 -19.49
CA ARG C 150 -24.31 3.38 -18.79
C ARG C 150 -25.82 3.55 -18.77
N GLN C 151 -26.59 2.61 -19.32
CA GLN C 151 -28.04 2.74 -19.29
C GLN C 151 -28.52 2.76 -17.84
N GLY C 152 -29.46 3.67 -17.56
CA GLY C 152 -30.08 3.76 -16.26
C GLY C 152 -29.30 4.54 -15.22
N VAL C 153 -28.02 4.82 -15.47
CA VAL C 153 -27.16 5.40 -14.43
C VAL C 153 -27.64 6.79 -14.05
N GLU C 154 -27.83 7.67 -15.04
N GLU C 154 -27.81 7.67 -15.05
CA GLU C 154 -28.33 9.01 -14.73
CA GLU C 154 -28.33 9.01 -14.76
C GLU C 154 -29.71 8.95 -14.10
C GLU C 154 -29.69 8.94 -14.08
N ASP C 155 -30.58 8.06 -14.59
CA ASP C 155 -31.91 7.92 -14.01
C ASP C 155 -31.83 7.56 -12.52
N ALA C 156 -30.91 6.66 -12.15
CA ALA C 156 -30.83 6.26 -10.74
C ALA C 156 -30.50 7.46 -9.85
N PHE C 157 -29.46 8.22 -10.22
CA PHE C 157 -29.04 9.33 -9.38
C PHE C 157 -30.04 10.49 -9.43
N TYR C 158 -30.56 10.81 -10.63
CA TYR C 158 -31.51 11.92 -10.72
C TYR C 158 -32.81 11.59 -9.99
N THR C 159 -33.26 10.34 -10.09
CA THR C 159 -34.46 9.95 -9.35
C THR C 159 -34.26 10.13 -7.85
N LEU C 160 -33.07 9.78 -7.34
CA LEU C 160 -32.80 9.97 -5.93
C LEU C 160 -32.82 11.44 -5.56
N VAL C 161 -32.23 12.31 -6.39
CA VAL C 161 -32.26 13.74 -6.09
C VAL C 161 -33.70 14.24 -6.05
N ARG C 162 -34.55 13.74 -6.94
CA ARG C 162 -35.97 14.13 -6.90
C ARG C 162 -36.63 13.65 -5.61
N GLU C 163 -36.25 12.46 -5.12
CA GLU C 163 -36.80 12.00 -3.84
C GLU C 163 -36.38 12.93 -2.70
N ILE C 164 -35.15 13.44 -2.75
CA ILE C 164 -34.71 14.38 -1.72
C ILE C 164 -35.48 15.69 -1.83
N ARG C 165 -35.60 16.21 -3.06
CA ARG C 165 -36.29 17.49 -3.26
C ARG C 165 -37.74 17.42 -2.85
N GLN C 166 -38.38 16.27 -3.01
CA GLN C 166 -39.81 16.12 -2.72
C GLN C 166 -40.08 15.51 -1.36
N HIS C 167 -39.06 15.40 -0.51
CA HIS C 167 -39.26 14.79 0.80
C HIS C 167 -40.19 15.65 1.66
PG GNP D . 27.06 -5.65 -4.00
O1G GNP D . 27.53 -6.91 -4.69
O2G GNP D . 25.59 -5.56 -4.24
O3G GNP D . 27.78 -4.43 -4.59
N3B GNP D . 27.42 -5.83 -2.35
PB GNP D . 27.00 -4.72 -1.20
O1B GNP D . 27.89 -3.51 -1.21
O2B GNP D . 25.58 -4.35 -1.23
O3A GNP D . 27.28 -5.48 0.20
PA GNP D . 26.21 -6.25 1.08
O1A GNP D . 25.24 -5.25 1.68
O2A GNP D . 25.64 -7.38 0.29
O5' GNP D . 27.12 -6.81 2.22
C5' GNP D . 28.22 -7.70 1.93
C4' GNP D . 28.55 -8.50 3.17
O4' GNP D . 29.09 -7.60 4.17
C3' GNP D . 27.37 -9.22 3.82
O3' GNP D . 27.79 -10.47 4.34
C2' GNP D . 26.97 -8.26 4.95
O2' GNP D . 26.35 -8.94 6.05
C1' GNP D . 28.33 -7.69 5.35
N9 GNP D . 28.22 -6.34 5.92
C8 GNP D . 27.62 -5.25 5.34
N7 GNP D . 27.66 -4.18 6.08
C5 GNP D . 28.32 -4.59 7.24
C6 GNP D . 28.68 -3.86 8.43
O6 GNP D . 28.45 -2.69 8.68
N1 GNP D . 29.34 -4.65 9.34
C2 GNP D . 29.66 -5.97 9.15
N2 GNP D . 30.32 -6.59 10.14
N3 GNP D . 29.34 -6.66 8.05
C4 GNP D . 28.68 -5.91 7.15
MG MG E . 24.18 -4.92 -2.77
C FMT F . 20.94 -2.63 -13.70
O1 FMT F . 19.85 -2.87 -14.20
O2 FMT F . 21.71 -1.76 -14.13
C4 QTD G . -21.15 10.56 21.79
C5 QTD G . -19.77 10.44 22.05
C6 QTD G . -19.38 9.65 23.12
C7 QTD G . -20.34 9.01 23.91
C8 QTD G . -21.69 9.15 23.63
C10 QTD G . -20.36 12.96 19.56
N QTD G . -18.94 12.85 15.21
C QTD G . -18.92 12.34 17.71
O QTD G . -17.01 11.69 16.24
C1 QTD G . -19.26 11.01 17.90
C11 QTD G . -19.47 13.31 18.55
C2 QTD G . -20.16 10.61 18.90
C3 QTD G . -20.69 11.61 19.72
C9 QTD G . -22.11 9.94 22.57
O1 QTD G . -17.43 14.08 16.74
O2 QTD G . -21.59 11.35 20.73
S QTD G . -17.91 12.77 16.48
C FMT H . 22.81 1.81 -28.96
O1 FMT H . 22.38 1.80 -27.81
O2 FMT H . 22.40 1.08 -29.87
C FMT I . 3.52 -5.99 40.07
O1 FMT I . 3.99 -5.03 39.43
O2 FMT I . 2.39 -6.03 40.54
C FMT J . 16.34 -3.44 -26.19
O1 FMT J . 16.81 -3.93 -25.17
O2 FMT J . 16.83 -2.47 -26.77
C FMT K . -19.93 -3.59 42.78
O1 FMT K . -20.04 -2.37 42.68
O2 FMT K . -20.47 -4.39 42.03
C1 GOL L . 7.74 -4.47 15.16
O1 GOL L . 8.70 -5.41 14.76
C2 GOL L . 6.39 -5.04 14.73
O2 GOL L . 6.07 -6.17 15.46
C3 GOL L . 5.34 -3.90 14.88
O3 GOL L . 5.77 -2.77 14.17
C1 GOL M . 2.90 5.55 24.20
O1 GOL M . 4.05 4.80 24.03
C2 GOL M . 3.23 6.77 25.10
O2 GOL M . 4.50 7.27 24.86
C3 GOL M . 2.17 7.81 24.74
O3 GOL M . 1.42 8.06 25.89
C FMT N . -17.93 -3.71 -6.07
O1 FMT N . -17.85 -2.89 -6.97
O2 FMT N . -18.21 -3.50 -4.89
NA NA O . -28.14 -15.78 -7.59
#